data_3EXZ
#
_entry.id   3EXZ
#
_cell.length_a   142.949
_cell.length_b   70.513
_cell.length_c   87.863
_cell.angle_alpha   90.00
_cell.angle_beta   93.75
_cell.angle_gamma   90.00
#
_symmetry.space_group_name_H-M   'C 1 2 1'
#
loop_
_entity.id
_entity.type
_entity.pdbx_description
1 polymer 'MaoC-like dehydratase'
2 water water
#
_entity_poly.entity_id   1
_entity_poly.type   'polypeptide(L)'
_entity_poly.pdbx_seq_one_letter_code
;(MSE)GLFLEDLAVGDRFDSARHRVEAAAIKAFAGEFDPQPFHLDEEAARHSLFGGLAASGWHTAAIT(MSE)RLLVTSG
LPLAQGIIGAGTELSWPNPTRPGDELHVETTVLAITPSKSRPDRAIVTCQSDTLNQRGEVVQRSTAKVVVFRRPLEHHHH
HH
;
_entity_poly.pdbx_strand_id   A,B,C,D,E
#
# COMPACT_ATOMS: atom_id res chain seq x y z
N GLY A 2 -25.09 8.33 -4.61
CA GLY A 2 -26.26 9.06 -5.18
C GLY A 2 -27.41 9.15 -4.21
N LEU A 3 -27.32 10.12 -3.31
CA LEU A 3 -28.36 10.33 -2.32
C LEU A 3 -29.50 11.24 -2.80
N PHE A 4 -30.72 10.92 -2.37
CA PHE A 4 -31.87 11.76 -2.67
C PHE A 4 -32.41 12.21 -1.29
N LEU A 5 -33.45 13.03 -1.31
CA LEU A 5 -34.06 13.56 -0.08
C LEU A 5 -34.35 12.49 0.97
N GLU A 6 -34.88 11.35 0.55
CA GLU A 6 -35.22 10.27 1.47
C GLU A 6 -34.05 9.73 2.25
N ASP A 7 -32.86 9.82 1.67
CA ASP A 7 -31.67 9.27 2.31
C ASP A 7 -31.03 10.17 3.36
N LEU A 8 -31.52 11.40 3.45
CA LEU A 8 -30.93 12.36 4.37
C LEU A 8 -31.62 12.49 5.72
N ALA A 9 -30.84 12.74 6.75
CA ALA A 9 -31.41 12.96 8.09
C ALA A 9 -30.55 13.95 8.88
N VAL A 10 -31.21 14.80 9.66
CA VAL A 10 -30.53 15.77 10.52
C VAL A 10 -29.44 15.02 11.30
N GLY A 11 -28.21 15.56 11.25
CA GLY A 11 -27.09 14.96 11.95
C GLY A 11 -26.17 14.16 11.05
N ASP A 12 -26.60 13.90 9.83
CA ASP A 12 -25.76 13.15 8.90
C ASP A 12 -24.47 13.87 8.60
N ARG A 13 -23.37 13.15 8.66
CA ARG A 13 -22.05 13.70 8.41
C ARG A 13 -21.45 13.11 7.14
N PHE A 14 -20.85 13.97 6.32
CA PHE A 14 -20.21 13.58 5.07
C PHE A 14 -18.79 14.11 5.01
N ASP A 15 -17.91 13.35 4.38
CA ASP A 15 -16.52 13.74 4.27
C ASP A 15 -15.99 13.66 2.87
N SER A 16 -15.24 14.68 2.47
CA SER A 16 -14.69 14.72 1.13
C SER A 16 -13.28 14.15 1.09
N ALA A 17 -12.77 13.97 -0.12
CA ALA A 17 -11.40 13.54 -0.33
C ALA A 17 -10.57 14.84 -0.10
N ARG A 18 -9.26 14.72 -0.22
CA ARG A 18 -8.35 15.82 0.07
C ARG A 18 -7.85 16.58 -1.13
N HIS A 19 -7.41 17.81 -0.90
CA HIS A 19 -6.88 18.62 -1.97
C HIS A 19 -5.72 19.45 -1.43
N ARG A 20 -4.59 19.42 -2.14
CA ARG A 20 -3.43 20.19 -1.71
C ARG A 20 -3.36 21.56 -2.41
N VAL A 21 -3.28 22.61 -1.62
CA VAL A 21 -3.18 23.97 -2.15
C VAL A 21 -1.73 24.41 -2.35
N GLU A 22 -1.38 24.73 -3.59
CA GLU A 22 -0.01 25.16 -3.89
C GLU A 22 0.08 26.63 -4.28
N ALA A 23 1.23 27.21 -4.00
CA ALA A 23 1.51 28.61 -4.26
C ALA A 23 1.10 29.09 -5.64
N ALA A 24 1.51 28.36 -6.67
CA ALA A 24 1.21 28.74 -8.05
C ALA A 24 -0.29 28.73 -8.35
N ALA A 25 -1.03 27.82 -7.71
CA ALA A 25 -2.48 27.72 -7.91
C ALA A 25 -3.16 28.90 -7.19
N ILE A 26 -2.59 29.33 -6.08
CA ILE A 26 -3.12 30.48 -5.35
C ILE A 26 -2.97 31.72 -6.25
N LYS A 27 -1.78 31.91 -6.84
CA LYS A 27 -1.51 33.06 -7.71
C LYS A 27 -2.30 33.02 -9.02
N ALA A 28 -2.42 31.83 -9.60
CA ALA A 28 -3.20 31.65 -10.82
C ALA A 28 -4.67 32.06 -10.55
N PHE A 29 -5.30 31.53 -9.50
CA PHE A 29 -6.67 31.93 -9.21
C PHE A 29 -6.77 33.42 -8.82
N ALA A 30 -5.89 33.87 -7.95
CA ALA A 30 -5.90 35.27 -7.50
C ALA A 30 -5.72 36.22 -8.69
N GLY A 31 -4.71 35.95 -9.52
CA GLY A 31 -4.45 36.76 -10.70
C GLY A 31 -5.68 36.93 -11.58
N GLU A 32 -6.56 35.94 -11.59
CA GLU A 32 -7.75 36.03 -12.41
C GLU A 32 -8.99 36.60 -11.70
N PHE A 33 -9.20 36.25 -10.43
CA PHE A 33 -10.39 36.70 -9.72
C PHE A 33 -10.21 37.51 -8.44
N ASP A 34 -9.01 37.55 -7.87
CA ASP A 34 -8.78 38.30 -6.65
C ASP A 34 -7.34 38.81 -6.70
N PRO A 35 -7.03 39.71 -7.64
CA PRO A 35 -5.69 40.24 -7.80
C PRO A 35 -5.24 41.28 -6.77
N GLN A 36 -4.96 40.80 -5.57
CA GLN A 36 -4.51 41.64 -4.48
C GLN A 36 -3.15 41.12 -4.05
N PRO A 37 -2.23 42.03 -3.70
CA PRO A 37 -0.86 41.70 -3.28
C PRO A 37 -0.74 40.50 -2.37
N PHE A 38 -1.55 40.45 -1.31
CA PHE A 38 -1.44 39.35 -0.38
C PHE A 38 -1.75 37.95 -0.93
N HIS A 39 -2.33 37.89 -2.12
CA HIS A 39 -2.64 36.60 -2.76
C HIS A 39 -1.79 36.37 -4.01
N LEU A 40 -0.92 37.33 -4.32
CA LEU A 40 -0.10 37.29 -5.53
C LEU A 40 1.40 37.28 -5.32
N ASP A 41 1.83 37.90 -4.23
CA ASP A 41 3.26 38.00 -3.95
C ASP A 41 3.62 37.66 -2.51
N GLU A 42 4.62 36.78 -2.37
CA GLU A 42 5.07 36.31 -1.07
C GLU A 42 5.67 37.42 -0.21
N GLU A 43 6.31 38.40 -0.84
CA GLU A 43 6.93 39.51 -0.11
C GLU A 43 5.87 40.53 0.30
N ALA A 44 5.04 40.95 -0.64
CA ALA A 44 3.95 41.88 -0.33
C ALA A 44 3.02 41.27 0.74
N ALA A 45 2.81 39.96 0.71
CA ALA A 45 1.93 39.29 1.68
C ALA A 45 2.49 39.36 3.10
N ARG A 46 3.80 39.23 3.23
CA ARG A 46 4.47 39.31 4.52
C ARG A 46 4.08 40.61 5.25
N HIS A 47 4.00 41.72 4.52
CA HIS A 47 3.67 42.99 5.14
C HIS A 47 2.18 43.28 5.26
N SER A 48 1.36 42.24 5.11
CA SER A 48 -0.09 42.40 5.22
C SER A 48 -0.60 41.73 6.49
N LEU A 49 -1.90 41.82 6.73
CA LEU A 49 -2.52 41.18 7.88
C LEU A 49 -2.29 39.66 7.84
N PHE A 50 -2.26 39.11 6.63
CA PHE A 50 -2.05 37.68 6.42
C PHE A 50 -0.61 37.29 6.79
N GLY A 51 0.29 38.27 6.75
CA GLY A 51 1.69 38.02 7.06
C GLY A 51 2.16 36.75 6.35
N GLY A 52 2.17 36.78 5.02
CA GLY A 52 2.56 35.61 4.24
C GLY A 52 1.49 35.27 3.20
N LEU A 53 1.87 34.55 2.16
CA LEU A 53 0.93 34.19 1.12
C LEU A 53 -0.29 33.49 1.71
N ALA A 54 -1.47 33.93 1.30
CA ALA A 54 -2.70 33.28 1.71
C ALA A 54 -3.55 33.19 0.45
N ALA A 55 -4.44 32.21 0.40
CA ALA A 55 -5.30 32.06 -0.75
C ALA A 55 -6.51 32.99 -0.57
N SER A 56 -7.10 33.40 -1.68
CA SER A 56 -8.31 34.21 -1.64
C SER A 56 -9.41 33.36 -0.97
N GLY A 57 -10.24 33.99 -0.15
CA GLY A 57 -11.35 33.29 0.48
C GLY A 57 -12.22 32.70 -0.63
N TRP A 58 -12.26 33.37 -1.79
CA TRP A 58 -13.06 32.91 -2.93
C TRP A 58 -12.43 31.72 -3.65
N HIS A 59 -11.13 31.55 -3.47
CA HIS A 59 -10.42 30.42 -4.06
C HIS A 59 -10.73 29.21 -3.12
N THR A 60 -10.68 29.44 -1.81
CA THR A 60 -11.01 28.39 -0.84
C THR A 60 -12.47 27.96 -1.03
N ALA A 61 -13.38 28.92 -1.28
CA ALA A 61 -14.80 28.59 -1.50
C ALA A 61 -14.96 27.73 -2.77
N ALA A 62 -14.23 28.07 -3.84
CA ALA A 62 -14.30 27.32 -5.12
C ALA A 62 -13.79 25.88 -4.95
N ILE A 63 -12.66 25.72 -4.27
CA ILE A 63 -12.07 24.41 -3.97
C ILE A 63 -13.06 23.62 -3.10
N THR A 64 -13.74 24.30 -2.19
CA THR A 64 -14.72 23.64 -1.34
C THR A 64 -15.84 23.08 -2.19
N MSE A 65 -16.33 23.85 -3.17
CA MSE A 65 -17.41 23.36 -4.01
C MSE A 65 -16.96 22.14 -4.81
O MSE A 65 -17.70 21.15 -4.91
CB MSE A 65 -17.91 24.45 -4.96
CG MSE A 65 -19.13 23.99 -5.77
SE MSE A 65 -20.61 23.48 -4.62
CE MSE A 65 -20.46 21.55 -4.65
N ARG A 66 -15.75 22.18 -5.38
CA ARG A 66 -15.22 21.05 -6.14
C ARG A 66 -15.20 19.79 -5.25
N LEU A 67 -14.67 19.89 -4.03
CA LEU A 67 -14.63 18.75 -3.12
C LEU A 67 -16.03 18.25 -2.79
N LEU A 68 -16.95 19.19 -2.60
CA LEU A 68 -18.33 18.85 -2.29
C LEU A 68 -18.95 18.09 -3.46
N VAL A 69 -18.75 18.62 -4.66
CA VAL A 69 -19.33 18.02 -5.84
C VAL A 69 -18.77 16.65 -6.15
N THR A 70 -17.46 16.51 -6.07
CA THR A 70 -16.83 15.25 -6.42
C THR A 70 -16.78 14.19 -5.32
N SER A 71 -16.85 14.59 -4.06
CA SER A 71 -16.80 13.60 -2.99
C SER A 71 -17.52 13.94 -1.69
N GLY A 72 -17.50 15.21 -1.30
CA GLY A 72 -18.08 15.61 -0.03
C GLY A 72 -19.58 15.57 0.22
N LEU A 73 -20.38 15.92 -0.78
CA LEU A 73 -21.83 15.89 -0.67
C LEU A 73 -22.28 15.14 -1.91
N PRO A 74 -22.54 13.84 -1.73
CA PRO A 74 -22.97 12.88 -2.75
C PRO A 74 -24.40 12.92 -3.25
N LEU A 75 -24.91 14.11 -3.52
CA LEU A 75 -26.28 14.26 -3.99
C LEU A 75 -26.43 13.76 -5.42
N ALA A 76 -27.39 12.88 -5.65
CA ALA A 76 -27.59 12.31 -6.97
C ALA A 76 -27.97 13.32 -8.05
N GLN A 77 -28.77 14.31 -7.67
CA GLN A 77 -29.19 15.31 -8.63
C GLN A 77 -28.38 16.60 -8.59
N GLY A 78 -27.23 16.56 -7.92
CA GLY A 78 -26.37 17.71 -7.87
C GLY A 78 -26.55 18.62 -6.69
N ILE A 79 -25.74 19.67 -6.61
CA ILE A 79 -25.83 20.59 -5.49
C ILE A 79 -26.30 21.94 -6.01
N ILE A 80 -27.49 22.34 -5.59
CA ILE A 80 -28.06 23.60 -6.03
C ILE A 80 -28.25 24.50 -4.82
N GLY A 81 -27.43 25.55 -4.77
CA GLY A 81 -27.46 26.45 -3.66
C GLY A 81 -28.39 27.65 -3.79
N ALA A 82 -29.16 27.92 -2.73
CA ALA A 82 -30.05 29.07 -2.73
C ALA A 82 -29.24 30.21 -2.10
N GLY A 83 -28.53 29.90 -1.00
CA GLY A 83 -27.71 30.88 -0.34
C GLY A 83 -26.87 30.25 0.76
N THR A 84 -25.93 31.01 1.30
CA THR A 84 -25.07 30.48 2.35
C THR A 84 -24.49 31.54 3.27
N GLU A 85 -24.20 31.12 4.51
CA GLU A 85 -23.54 31.97 5.49
C GLU A 85 -22.08 31.52 5.38
N LEU A 86 -21.21 32.45 5.03
CA LEU A 86 -19.81 32.15 4.78
C LEU A 86 -18.85 32.88 5.70
N SER A 87 -17.85 32.17 6.20
CA SER A 87 -16.84 32.80 7.02
C SER A 87 -15.50 32.08 6.82
N TRP A 88 -14.41 32.82 6.97
CA TRP A 88 -13.07 32.24 6.86
C TRP A 88 -12.32 32.56 8.16
N PRO A 89 -12.37 31.63 9.13
CA PRO A 89 -11.70 31.81 10.43
C PRO A 89 -10.17 31.88 10.36
N ASN A 90 -9.57 30.97 9.61
CA ASN A 90 -8.13 30.96 9.45
C ASN A 90 -7.76 31.01 7.97
N PRO A 91 -6.63 31.66 7.66
CA PRO A 91 -6.15 31.80 6.29
C PRO A 91 -5.84 30.43 5.70
N THR A 92 -5.93 30.31 4.37
CA THR A 92 -5.56 29.06 3.70
C THR A 92 -4.15 29.35 3.17
N ARG A 93 -3.24 28.45 3.50
CA ARG A 93 -1.82 28.59 3.17
C ARG A 93 -1.32 27.63 2.13
N PRO A 94 -0.23 27.99 1.41
CA PRO A 94 0.37 27.12 0.39
C PRO A 94 0.85 25.91 1.18
N GLY A 95 0.70 24.71 0.60
CA GLY A 95 1.11 23.47 1.25
C GLY A 95 0.01 22.84 2.09
N ASP A 96 -1.11 23.53 2.24
CA ASP A 96 -2.19 23.02 3.07
C ASP A 96 -3.00 21.89 2.44
N GLU A 97 -3.32 20.87 3.24
CA GLU A 97 -4.16 19.78 2.76
C GLU A 97 -5.57 20.07 3.26
N LEU A 98 -6.49 20.32 2.33
CA LEU A 98 -7.86 20.60 2.70
C LEU A 98 -8.81 19.44 2.39
N HIS A 99 -9.79 19.28 3.26
CA HIS A 99 -10.86 18.32 3.04
C HIS A 99 -12.08 18.96 3.69
N VAL A 100 -13.27 18.56 3.27
CA VAL A 100 -14.47 19.15 3.83
C VAL A 100 -15.31 18.18 4.64
N GLU A 101 -15.79 18.65 5.80
CA GLU A 101 -16.67 17.87 6.65
C GLU A 101 -18.06 18.55 6.68
N THR A 102 -19.06 17.89 6.11
CA THR A 102 -20.41 18.46 6.03
C THR A 102 -21.43 17.80 6.96
N THR A 103 -22.22 18.63 7.63
CA THR A 103 -23.26 18.13 8.53
C THR A 103 -24.64 18.70 8.16
N VAL A 104 -25.65 17.82 8.09
CA VAL A 104 -27.02 18.24 7.81
C VAL A 104 -27.57 18.77 9.15
N LEU A 105 -27.96 20.05 9.19
CA LEU A 105 -28.46 20.69 10.39
C LEU A 105 -29.97 20.72 10.46
N ALA A 106 -30.60 20.69 9.29
CA ALA A 106 -32.05 20.73 9.20
C ALA A 106 -32.56 20.37 7.81
N ILE A 107 -33.76 19.80 7.75
CA ILE A 107 -34.43 19.46 6.49
C ILE A 107 -35.79 20.14 6.60
N THR A 108 -36.13 20.96 5.60
CA THR A 108 -37.36 21.71 5.64
C THR A 108 -38.10 21.59 4.32
N PRO A 109 -39.00 20.61 4.24
CA PRO A 109 -39.79 20.37 3.03
C PRO A 109 -40.60 21.57 2.59
N SER A 110 -40.77 21.69 1.28
CA SER A 110 -41.56 22.77 0.71
C SER A 110 -43.04 22.41 0.91
N LYS A 111 -43.79 23.35 1.50
CA LYS A 111 -45.22 23.15 1.73
C LYS A 111 -45.86 23.13 0.34
N SER A 112 -45.56 24.15 -0.45
CA SER A 112 -46.08 24.32 -1.80
C SER A 112 -45.65 23.24 -2.81
N ARG A 113 -44.44 22.72 -2.69
CA ARG A 113 -43.92 21.72 -3.62
C ARG A 113 -43.29 20.57 -2.81
N PRO A 114 -44.13 19.61 -2.36
CA PRO A 114 -43.69 18.48 -1.56
C PRO A 114 -42.69 17.47 -2.09
N ASP A 115 -42.29 17.62 -3.35
CA ASP A 115 -41.30 16.71 -3.89
C ASP A 115 -39.87 17.21 -3.67
N ARG A 116 -39.71 18.24 -2.84
CA ARG A 116 -38.40 18.82 -2.58
C ARG A 116 -38.37 19.48 -1.20
N ALA A 117 -37.16 19.72 -0.70
CA ALA A 117 -36.96 20.33 0.61
C ALA A 117 -35.70 21.19 0.58
N ILE A 118 -35.60 22.13 1.52
CA ILE A 118 -34.41 22.96 1.64
C ILE A 118 -33.63 22.31 2.79
N VAL A 119 -32.45 21.78 2.45
CA VAL A 119 -31.59 21.11 3.41
C VAL A 119 -30.45 22.04 3.81
N THR A 120 -30.35 22.32 5.10
CA THR A 120 -29.29 23.17 5.62
C THR A 120 -28.03 22.33 5.86
N CYS A 121 -27.00 22.58 5.05
CA CYS A 121 -25.75 21.85 5.17
C CYS A 121 -24.63 22.75 5.64
N GLN A 122 -23.98 22.34 6.71
CA GLN A 122 -22.86 23.11 7.25
C GLN A 122 -21.56 22.42 6.88
N SER A 123 -20.83 23.01 5.94
CA SER A 123 -19.56 22.46 5.51
C SER A 123 -18.39 23.22 6.12
N ASP A 124 -17.52 22.49 6.82
CA ASP A 124 -16.33 23.07 7.42
C ASP A 124 -15.13 22.55 6.63
N THR A 125 -14.39 23.48 6.03
CA THR A 125 -13.19 23.12 5.26
C THR A 125 -12.04 23.22 6.26
N LEU A 126 -11.32 22.12 6.41
CA LEU A 126 -10.22 22.07 7.37
C LEU A 126 -8.88 21.75 6.72
N ASN A 127 -7.81 22.27 7.32
CA ASN A 127 -6.48 21.93 6.86
C ASN A 127 -5.96 20.77 7.74
N GLN A 128 -4.73 20.34 7.52
CA GLN A 128 -4.15 19.21 8.24
C GLN A 128 -3.97 19.43 9.74
N ARG A 129 -4.08 20.67 10.16
CA ARG A 129 -3.94 21.01 11.58
C ARG A 129 -5.28 21.02 12.29
N GLY A 130 -6.33 20.65 11.56
CA GLY A 130 -7.66 20.61 12.16
C GLY A 130 -8.33 21.97 12.28
N GLU A 131 -7.70 23.00 11.73
CA GLU A 131 -8.26 24.36 11.78
C GLU A 131 -9.25 24.58 10.63
N VAL A 132 -10.26 25.40 10.90
CA VAL A 132 -11.27 25.71 9.90
C VAL A 132 -10.87 26.90 9.04
N VAL A 133 -10.63 26.66 7.75
CA VAL A 133 -10.29 27.76 6.84
C VAL A 133 -11.55 28.32 6.17
N GLN A 134 -12.68 27.62 6.34
CA GLN A 134 -13.94 28.11 5.83
C GLN A 134 -15.11 27.36 6.39
N ARG A 135 -16.16 28.09 6.73
CA ARG A 135 -17.40 27.45 7.17
C ARG A 135 -18.47 28.04 6.27
N SER A 136 -19.24 27.15 5.64
CA SER A 136 -20.31 27.53 4.75
C SER A 136 -21.58 26.82 5.23
N THR A 137 -22.50 27.58 5.81
CA THR A 137 -23.79 27.03 6.26
C THR A 137 -24.71 27.36 5.08
N ALA A 138 -24.88 26.39 4.20
CA ALA A 138 -25.67 26.55 2.99
C ALA A 138 -27.05 25.93 2.99
N LYS A 139 -27.95 26.52 2.22
CA LYS A 139 -29.28 25.95 2.07
C LYS A 139 -29.29 25.39 0.64
N VAL A 140 -29.47 24.08 0.54
CA VAL A 140 -29.45 23.39 -0.74
C VAL A 140 -30.85 22.86 -1.05
N VAL A 141 -31.20 22.81 -2.33
CA VAL A 141 -32.51 22.33 -2.76
C VAL A 141 -32.36 20.86 -3.12
N VAL A 142 -33.02 20.00 -2.36
CA VAL A 142 -32.96 18.57 -2.60
C VAL A 142 -34.32 17.92 -2.86
N PHE A 143 -34.44 17.29 -4.01
CA PHE A 143 -35.67 16.59 -4.40
C PHE A 143 -35.59 15.10 -4.01
N ARG A 144 -36.74 14.47 -3.85
CA ARG A 144 -36.74 13.04 -3.56
C ARG A 144 -36.58 12.32 -4.91
N ARG A 145 -36.17 11.06 -4.88
CA ARG A 145 -35.95 10.29 -6.10
C ARG A 145 -37.20 10.23 -6.94
N PRO A 146 -37.08 10.52 -8.24
CA PRO A 146 -38.22 10.49 -9.15
C PRO A 146 -38.86 9.10 -9.18
N LEU A 147 -40.09 9.03 -9.65
CA LEU A 147 -40.78 7.75 -9.80
C LEU A 147 -40.27 7.05 -11.09
N GLY B 2 26.92 -22.43 23.58
CA GLY B 2 26.23 -21.97 22.35
C GLY B 2 27.14 -21.25 21.38
N LEU B 3 26.62 -20.98 20.19
CA LEU B 3 27.38 -20.32 19.14
C LEU B 3 27.10 -18.84 19.02
N PHE B 4 28.13 -18.07 18.67
CA PHE B 4 27.95 -16.65 18.44
C PHE B 4 28.15 -16.48 16.93
N LEU B 5 27.93 -15.28 16.43
CA LEU B 5 28.06 -15.02 15.00
C LEU B 5 29.31 -15.60 14.34
N GLU B 6 30.47 -15.42 14.98
CA GLU B 6 31.73 -15.87 14.40
C GLU B 6 31.84 -17.36 14.22
N ASP B 7 31.07 -18.12 14.99
CA ASP B 7 31.12 -19.57 14.90
C ASP B 7 30.29 -20.12 13.74
N LEU B 8 29.55 -19.26 13.06
CA LEU B 8 28.68 -19.72 11.99
C LEU B 8 29.31 -19.62 10.62
N ALA B 9 28.96 -20.57 9.76
CA ALA B 9 29.43 -20.60 8.38
C ALA B 9 28.34 -21.14 7.45
N VAL B 10 28.24 -20.59 6.25
CA VAL B 10 27.26 -21.04 5.29
C VAL B 10 27.46 -22.54 5.09
N GLY B 11 26.37 -23.31 5.10
CA GLY B 11 26.49 -24.74 4.94
C GLY B 11 26.43 -25.54 6.22
N ASP B 12 26.66 -24.90 7.36
CA ASP B 12 26.59 -25.56 8.68
C ASP B 12 25.19 -26.15 8.91
N ARG B 13 25.16 -27.36 9.47
CA ARG B 13 23.91 -28.06 9.72
C ARG B 13 23.75 -28.49 11.17
N PHE B 14 22.51 -28.49 11.66
CA PHE B 14 22.22 -28.91 13.03
C PHE B 14 20.97 -29.79 13.06
N ASP B 15 20.97 -30.78 13.95
CA ASP B 15 19.84 -31.70 14.10
C ASP B 15 19.22 -31.53 15.49
N SER B 16 17.90 -31.56 15.57
CA SER B 16 17.25 -31.41 16.87
C SER B 16 16.93 -32.78 17.42
N ALA B 17 16.40 -32.82 18.64
CA ALA B 17 15.96 -34.08 19.23
C ALA B 17 14.62 -34.39 18.53
N ARG B 18 13.98 -35.49 18.94
CA ARG B 18 12.71 -35.89 18.36
C ARG B 18 11.56 -35.58 19.28
N HIS B 19 10.38 -35.48 18.68
CA HIS B 19 9.19 -35.17 19.42
C HIS B 19 8.00 -35.91 18.81
N ARG B 20 7.37 -36.74 19.62
CA ARG B 20 6.20 -37.49 19.18
C ARG B 20 4.93 -36.65 19.38
N VAL B 21 4.13 -36.54 18.32
CA VAL B 21 2.89 -35.78 18.35
C VAL B 21 1.71 -36.74 18.50
N GLU B 22 0.96 -36.56 19.57
CA GLU B 22 -0.21 -37.41 19.86
C GLU B 22 -1.49 -36.66 19.58
N ALA B 23 -2.54 -37.39 19.23
CA ALA B 23 -3.83 -36.77 18.96
C ALA B 23 -4.26 -35.81 20.06
N ALA B 24 -4.11 -36.21 21.32
CA ALA B 24 -4.53 -35.38 22.44
C ALA B 24 -3.90 -33.98 22.41
N ALA B 25 -2.61 -33.94 22.11
CA ALA B 25 -1.87 -32.68 22.07
C ALA B 25 -2.29 -31.84 20.87
N ILE B 26 -2.65 -32.50 19.77
CA ILE B 26 -3.10 -31.81 18.58
C ILE B 26 -4.40 -31.04 18.89
N LYS B 27 -5.33 -31.71 19.55
CA LYS B 27 -6.61 -31.10 19.90
C LYS B 27 -6.47 -30.01 20.96
N ALA B 28 -5.55 -30.21 21.89
CA ALA B 28 -5.35 -29.22 22.95
C ALA B 28 -4.84 -27.90 22.37
N PHE B 29 -3.87 -27.97 21.47
CA PHE B 29 -3.35 -26.75 20.85
C PHE B 29 -4.43 -26.16 19.95
N ALA B 30 -5.15 -27.02 19.21
CA ALA B 30 -6.20 -26.55 18.32
C ALA B 30 -7.28 -25.80 19.08
N GLY B 31 -7.76 -26.38 20.17
CA GLY B 31 -8.79 -25.73 20.94
C GLY B 31 -8.39 -24.34 21.43
N GLU B 32 -7.09 -24.13 21.63
CA GLU B 32 -6.59 -22.85 22.11
C GLU B 32 -6.22 -21.84 21.02
N PHE B 33 -5.66 -22.31 19.91
CA PHE B 33 -5.22 -21.41 18.85
C PHE B 33 -5.71 -21.65 17.41
N ASP B 34 -6.27 -22.81 17.12
CA ASP B 34 -6.73 -23.11 15.76
C ASP B 34 -7.94 -24.05 15.88
N PRO B 35 -9.05 -23.54 16.48
CA PRO B 35 -10.28 -24.28 16.71
C PRO B 35 -11.13 -24.64 15.50
N GLN B 36 -10.57 -25.50 14.65
CA GLN B 36 -11.23 -25.96 13.45
C GLN B 36 -11.48 -27.45 13.57
N PRO B 37 -12.65 -27.92 13.08
CA PRO B 37 -13.05 -29.33 13.13
C PRO B 37 -11.98 -30.34 12.70
N PHE B 38 -11.34 -30.07 11.57
CA PHE B 38 -10.32 -30.99 11.12
C PHE B 38 -9.09 -31.05 12.04
N HIS B 39 -9.02 -30.15 13.04
CA HIS B 39 -7.93 -30.19 14.03
C HIS B 39 -8.43 -30.63 15.41
N LEU B 40 -9.75 -30.75 15.57
CA LEU B 40 -10.36 -31.11 16.85
C LEU B 40 -11.07 -32.45 16.91
N ASP B 41 -11.76 -32.79 15.83
CA ASP B 41 -12.57 -34.01 15.80
C ASP B 41 -12.16 -34.97 14.71
N GLU B 42 -11.82 -36.19 15.11
CA GLU B 42 -11.39 -37.21 14.17
C GLU B 42 -12.43 -37.52 13.12
N GLU B 43 -13.68 -37.67 13.55
CA GLU B 43 -14.76 -37.97 12.61
C GLU B 43 -14.91 -36.82 11.61
N ALA B 44 -15.05 -35.59 12.11
CA ALA B 44 -15.17 -34.42 11.26
C ALA B 44 -13.93 -34.28 10.35
N ALA B 45 -12.74 -34.59 10.87
CA ALA B 45 -11.52 -34.53 10.07
C ALA B 45 -11.60 -35.52 8.91
N ARG B 46 -12.32 -36.62 9.12
CA ARG B 46 -12.46 -37.65 8.10
C ARG B 46 -13.09 -37.12 6.80
N HIS B 47 -13.98 -36.14 6.92
CA HIS B 47 -14.66 -35.56 5.77
C HIS B 47 -13.96 -34.32 5.22
N SER B 48 -12.87 -33.89 5.84
CA SER B 48 -12.18 -32.70 5.35
C SER B 48 -11.15 -33.06 4.29
N LEU B 49 -10.50 -32.02 3.76
CA LEU B 49 -9.45 -32.18 2.76
C LEU B 49 -8.30 -33.01 3.35
N PHE B 50 -8.22 -33.06 4.68
CA PHE B 50 -7.14 -33.78 5.38
C PHE B 50 -7.33 -35.29 5.43
N GLY B 51 -8.58 -35.74 5.35
CA GLY B 51 -8.89 -37.16 5.36
C GLY B 51 -8.68 -37.86 6.69
N GLY B 52 -8.50 -37.07 7.74
CA GLY B 52 -8.22 -37.63 9.04
C GLY B 52 -7.61 -36.53 9.89
N LEU B 53 -7.54 -36.77 11.20
CA LEU B 53 -7.01 -35.77 12.11
C LEU B 53 -5.63 -35.32 11.67
N ALA B 54 -5.42 -34.01 11.67
CA ALA B 54 -4.12 -33.45 11.34
C ALA B 54 -3.83 -32.30 12.31
N ALA B 55 -2.56 -32.04 12.56
CA ALA B 55 -2.21 -30.93 13.44
C ALA B 55 -2.27 -29.61 12.68
N SER B 56 -2.51 -28.53 13.41
CA SER B 56 -2.51 -27.20 12.81
C SER B 56 -1.05 -26.89 12.39
N GLY B 57 -0.90 -26.21 11.25
CA GLY B 57 0.42 -25.86 10.77
C GLY B 57 1.12 -25.01 11.83
N TRP B 58 0.34 -24.25 12.59
CA TRP B 58 0.89 -23.38 13.62
C TRP B 58 1.31 -24.15 14.86
N HIS B 59 0.78 -25.36 14.98
CA HIS B 59 1.11 -26.24 16.08
C HIS B 59 2.48 -26.85 15.70
N THR B 60 2.60 -27.32 14.46
CA THR B 60 3.87 -27.86 13.95
C THR B 60 4.94 -26.76 14.02
N ALA B 61 4.53 -25.50 13.86
CA ALA B 61 5.46 -24.38 13.92
C ALA B 61 5.89 -24.12 15.38
N ALA B 62 4.95 -24.28 16.32
CA ALA B 62 5.27 -24.12 17.75
C ALA B 62 6.19 -25.27 18.20
N ILE B 63 5.88 -26.50 17.78
CA ILE B 63 6.71 -27.68 18.11
C ILE B 63 8.12 -27.52 17.51
N THR B 64 8.19 -27.04 16.27
CA THR B 64 9.49 -26.86 15.63
C THR B 64 10.33 -25.85 16.38
N MSE B 65 9.71 -24.75 16.82
CA MSE B 65 10.46 -23.74 17.56
C MSE B 65 10.99 -24.30 18.88
O MSE B 65 12.13 -24.02 19.24
CB MSE B 65 9.62 -22.48 17.82
CG MSE B 65 10.43 -21.35 18.50
SE MSE B 65 11.96 -20.70 17.44
CE MSE B 65 13.38 -21.81 18.16
N ARG B 66 10.19 -25.09 19.60
CA ARG B 66 10.65 -25.65 20.88
C ARG B 66 11.87 -26.55 20.67
N LEU B 67 11.84 -27.39 19.63
CA LEU B 67 12.98 -28.27 19.33
C LEU B 67 14.21 -27.44 18.94
N LEU B 68 14.02 -26.34 18.21
CA LEU B 68 15.14 -25.47 17.83
C LEU B 68 15.77 -24.82 19.08
N VAL B 69 14.94 -24.21 19.92
CA VAL B 69 15.45 -23.57 21.13
C VAL B 69 16.17 -24.61 22.00
N THR B 70 15.50 -25.74 22.21
CA THR B 70 15.98 -26.81 23.05
C THR B 70 17.18 -27.63 22.58
N SER B 71 17.24 -27.91 21.27
CA SER B 71 18.35 -28.73 20.77
C SER B 71 18.71 -28.57 19.30
N GLY B 72 17.92 -27.81 18.55
CA GLY B 72 18.15 -27.70 17.13
C GLY B 72 18.99 -26.61 16.55
N LEU B 73 19.17 -25.52 17.26
CA LEU B 73 19.97 -24.41 16.78
C LEU B 73 20.57 -23.71 18.00
N PRO B 74 21.77 -24.14 18.43
CA PRO B 74 22.52 -23.65 19.58
C PRO B 74 23.10 -22.25 19.53
N LEU B 75 22.23 -21.24 19.43
CA LEU B 75 22.68 -19.85 19.42
C LEU B 75 22.74 -19.42 20.88
N ALA B 76 23.92 -18.97 21.32
CA ALA B 76 24.12 -18.59 22.72
C ALA B 76 23.22 -17.48 23.20
N GLN B 77 22.97 -16.51 22.34
CA GLN B 77 22.11 -15.40 22.72
C GLN B 77 20.65 -15.60 22.29
N GLY B 78 20.32 -16.81 21.89
CA GLY B 78 18.94 -17.11 21.51
C GLY B 78 18.58 -16.91 20.06
N ILE B 79 17.34 -17.26 19.73
CA ILE B 79 16.84 -17.19 18.35
C ILE B 79 15.85 -16.07 18.24
N ILE B 80 16.20 -15.05 17.45
CA ILE B 80 15.37 -13.87 17.29
C ILE B 80 15.05 -13.67 15.80
N GLY B 81 13.87 -14.13 15.38
CA GLY B 81 13.50 -14.02 14.00
C GLY B 81 12.88 -12.71 13.58
N ALA B 82 13.23 -12.27 12.38
CA ALA B 82 12.64 -11.06 11.82
C ALA B 82 11.50 -11.46 10.87
N GLY B 83 11.55 -12.70 10.37
CA GLY B 83 10.53 -13.17 9.45
C GLY B 83 10.95 -14.52 8.88
N THR B 84 10.05 -15.13 8.14
CA THR B 84 10.34 -16.43 7.54
C THR B 84 9.40 -16.78 6.39
N GLU B 85 9.92 -17.59 5.47
CA GLU B 85 9.11 -18.09 4.36
C GLU B 85 8.70 -19.48 4.93
N LEU B 86 7.41 -19.69 5.10
CA LEU B 86 6.89 -20.95 5.64
C LEU B 86 6.06 -21.76 4.67
N SER B 87 6.22 -23.08 4.73
CA SER B 87 5.43 -23.97 3.92
C SER B 87 5.18 -25.27 4.70
N TRP B 88 4.07 -25.91 4.40
CA TRP B 88 3.67 -27.16 5.02
C TRP B 88 3.33 -28.11 3.88
N PRO B 89 4.36 -28.71 3.27
CA PRO B 89 4.24 -29.66 2.15
C PRO B 89 3.34 -30.86 2.44
N ASN B 90 3.46 -31.41 3.65
CA ASN B 90 2.70 -32.59 4.08
C ASN B 90 2.07 -32.33 5.43
N PRO B 91 0.87 -32.89 5.67
CA PRO B 91 0.17 -32.72 6.95
C PRO B 91 0.92 -33.44 8.07
N THR B 92 0.80 -32.92 9.29
CA THR B 92 1.39 -33.52 10.48
C THR B 92 0.29 -34.38 11.09
N ARG B 93 0.58 -35.65 11.31
CA ARG B 93 -0.39 -36.62 11.80
C ARG B 93 -0.12 -37.14 13.20
N PRO B 94 -1.19 -37.56 13.91
CA PRO B 94 -1.00 -38.09 15.26
C PRO B 94 -0.12 -39.34 15.10
N GLY B 95 0.82 -39.54 16.02
CA GLY B 95 1.72 -40.67 15.96
C GLY B 95 3.04 -40.31 15.26
N ASP B 96 3.06 -39.18 14.59
CA ASP B 96 4.26 -38.73 13.90
C ASP B 96 5.40 -38.38 14.85
N GLU B 97 6.62 -38.75 14.45
CA GLU B 97 7.81 -38.39 15.22
C GLU B 97 8.55 -37.33 14.39
N LEU B 98 8.59 -36.11 14.91
CA LEU B 98 9.21 -34.98 14.23
C LEU B 98 10.58 -34.62 14.75
N HIS B 99 11.48 -34.25 13.82
CA HIS B 99 12.80 -33.75 14.16
C HIS B 99 13.10 -32.62 13.13
N VAL B 100 13.97 -31.68 13.48
CA VAL B 100 14.28 -30.56 12.59
C VAL B 100 15.73 -30.60 12.09
N GLU B 101 15.91 -30.42 10.78
CA GLU B 101 17.26 -30.34 10.18
C GLU B 101 17.40 -28.89 9.72
N THR B 102 18.36 -28.16 10.30
CA THR B 102 18.55 -26.73 10.01
C THR B 102 19.89 -26.44 9.35
N THR B 103 19.89 -25.58 8.34
CA THR B 103 21.10 -25.24 7.62
C THR B 103 21.24 -23.74 7.48
N VAL B 104 22.47 -23.24 7.69
CA VAL B 104 22.77 -21.81 7.55
C VAL B 104 22.95 -21.59 6.04
N LEU B 105 22.07 -20.79 5.45
CA LEU B 105 22.10 -20.53 4.02
C LEU B 105 22.84 -19.27 3.65
N ALA B 106 22.88 -18.32 4.57
CA ALA B 106 23.55 -17.06 4.31
C ALA B 106 23.80 -16.25 5.59
N ILE B 107 24.80 -15.38 5.54
CA ILE B 107 25.17 -14.53 6.67
C ILE B 107 25.38 -13.16 6.06
N THR B 108 24.52 -12.21 6.44
CA THR B 108 24.57 -10.87 5.90
C THR B 108 24.73 -9.84 7.03
N PRO B 109 25.98 -9.46 7.31
CA PRO B 109 26.25 -8.48 8.37
C PRO B 109 25.54 -7.15 8.13
N SER B 110 25.20 -6.48 9.22
CA SER B 110 24.55 -5.18 9.12
C SER B 110 25.61 -4.13 8.76
N LYS B 111 25.24 -3.19 7.90
CA LYS B 111 26.15 -2.11 7.53
C LYS B 111 26.22 -1.05 8.64
N SER B 112 25.06 -0.64 9.15
CA SER B 112 25.00 0.38 10.17
C SER B 112 25.27 -0.12 11.58
N ARG B 113 25.21 -1.44 11.76
CA ARG B 113 25.46 -2.07 13.05
C ARG B 113 26.31 -3.32 12.84
N PRO B 114 27.64 -3.13 12.74
CA PRO B 114 28.61 -4.22 12.52
C PRO B 114 28.75 -5.27 13.61
N ASP B 115 28.03 -5.09 14.72
CA ASP B 115 28.06 -6.10 15.78
C ASP B 115 27.04 -7.25 15.54
N ARG B 116 26.24 -7.16 14.48
CA ARG B 116 25.23 -8.17 14.20
C ARG B 116 25.07 -8.49 12.71
N ALA B 117 24.47 -9.65 12.44
CA ALA B 117 24.21 -10.07 11.07
C ALA B 117 22.83 -10.70 10.97
N ILE B 118 22.26 -10.67 9.77
CA ILE B 118 21.01 -11.34 9.53
C ILE B 118 21.47 -12.70 9.01
N VAL B 119 21.10 -13.76 9.72
CA VAL B 119 21.45 -15.12 9.34
C VAL B 119 20.20 -15.84 8.82
N THR B 120 20.33 -16.41 7.63
CA THR B 120 19.23 -17.14 7.03
C THR B 120 19.40 -18.62 7.40
N CYS B 121 18.43 -19.12 8.17
CA CYS B 121 18.43 -20.50 8.60
C CYS B 121 17.23 -21.24 8.04
N GLN B 122 17.49 -22.29 7.26
CA GLN B 122 16.42 -23.11 6.73
C GLN B 122 16.19 -24.30 7.66
N SER B 123 14.99 -24.40 8.20
CA SER B 123 14.66 -25.51 9.07
C SER B 123 13.64 -26.39 8.38
N ASP B 124 13.98 -27.66 8.23
CA ASP B 124 13.09 -28.66 7.63
C ASP B 124 12.60 -29.59 8.75
N THR B 125 11.29 -29.60 9.01
CA THR B 125 10.74 -30.47 10.04
C THR B 125 10.29 -31.74 9.31
N LEU B 126 10.89 -32.86 9.67
CA LEU B 126 10.59 -34.14 9.03
C LEU B 126 9.92 -35.12 9.98
N ASN B 127 9.05 -35.98 9.43
CA ASN B 127 8.45 -37.03 10.26
C ASN B 127 9.29 -38.30 10.05
N GLN B 128 8.95 -39.36 10.76
CA GLN B 128 9.71 -40.62 10.70
C GLN B 128 9.80 -41.23 9.31
N ARG B 129 9.02 -40.73 8.37
CA ARG B 129 9.03 -41.25 7.00
C ARG B 129 9.94 -40.46 6.08
N GLY B 130 10.55 -39.40 6.59
CA GLY B 130 11.42 -38.58 5.76
C GLY B 130 10.69 -37.51 4.97
N GLU B 131 9.40 -37.32 5.25
CA GLU B 131 8.61 -36.30 4.58
C GLU B 131 8.67 -34.99 5.37
N VAL B 132 8.73 -33.88 4.64
CA VAL B 132 8.80 -32.55 5.22
C VAL B 132 7.38 -32.14 5.68
N VAL B 133 7.21 -31.91 6.98
CA VAL B 133 5.90 -31.44 7.42
C VAL B 133 5.89 -29.92 7.49
N GLN B 134 7.06 -29.31 7.53
CA GLN B 134 7.19 -27.86 7.55
C GLN B 134 8.58 -27.43 7.11
N ARG B 135 8.63 -26.35 6.33
CA ARG B 135 9.90 -25.77 5.93
C ARG B 135 9.81 -24.30 6.34
N SER B 136 10.77 -23.86 7.12
CA SER B 136 10.83 -22.48 7.59
C SER B 136 12.18 -21.88 7.25
N THR B 137 12.22 -21.01 6.23
CA THR B 137 13.46 -20.35 5.84
C THR B 137 13.41 -18.99 6.56
N ALA B 138 13.98 -18.96 7.75
CA ALA B 138 13.96 -17.81 8.65
C ALA B 138 15.14 -16.87 8.62
N LYS B 139 14.87 -15.59 8.81
CA LYS B 139 15.95 -14.60 8.93
C LYS B 139 16.06 -14.33 10.45
N VAL B 140 17.22 -14.59 11.05
CA VAL B 140 17.38 -14.34 12.47
C VAL B 140 18.52 -13.37 12.77
N VAL B 141 18.34 -12.55 13.79
CA VAL B 141 19.36 -11.58 14.20
C VAL B 141 20.40 -12.23 15.14
N VAL B 142 21.63 -12.32 14.67
CA VAL B 142 22.68 -12.90 15.51
C VAL B 142 23.79 -11.89 15.78
N PHE B 143 24.09 -11.68 17.05
CA PHE B 143 25.13 -10.74 17.44
C PHE B 143 26.48 -11.40 17.60
N ARG B 144 27.53 -10.61 17.43
CA ARG B 144 28.88 -11.07 17.67
C ARG B 144 29.00 -11.37 19.18
N ARG B 145 30.00 -12.18 19.54
CA ARG B 145 30.29 -12.46 20.93
C ARG B 145 30.69 -11.11 21.55
N PRO B 146 30.00 -10.70 22.62
CA PRO B 146 30.29 -9.44 23.31
C PRO B 146 31.75 -9.37 23.74
N LEU B 147 32.33 -8.18 23.68
CA LEU B 147 33.72 -7.98 24.11
C LEU B 147 33.83 -8.33 25.60
N GLU B 148 34.79 -9.19 25.94
CA GLU B 148 34.99 -9.60 27.32
C GLU B 148 35.50 -8.41 28.16
N LEU C 3 25.20 21.88 -15.78
CA LEU C 3 24.13 22.80 -16.30
C LEU C 3 23.27 23.30 -15.13
N PHE C 4 23.10 24.62 -15.05
CA PHE C 4 22.38 25.26 -13.96
C PHE C 4 21.25 26.17 -14.43
N LEU C 5 20.71 26.96 -13.49
CA LEU C 5 19.60 27.85 -13.79
C LEU C 5 19.93 28.93 -14.82
N GLU C 6 21.22 29.25 -14.93
CA GLU C 6 21.69 30.27 -15.85
C GLU C 6 21.69 29.79 -17.30
N ASP C 7 22.10 28.54 -17.49
CA ASP C 7 22.21 27.96 -18.83
C ASP C 7 20.87 27.60 -19.43
N LEU C 8 19.82 27.73 -18.63
CA LEU C 8 18.48 27.36 -19.06
C LEU C 8 17.61 28.52 -19.52
N ALA C 9 16.76 28.24 -20.49
CA ALA C 9 15.81 29.25 -20.98
C ALA C 9 14.72 28.63 -21.85
N VAL C 10 13.50 29.14 -21.71
CA VAL C 10 12.36 28.68 -22.50
C VAL C 10 12.80 28.39 -23.96
N GLY C 11 12.26 27.31 -24.52
CA GLY C 11 12.57 26.93 -25.89
C GLY C 11 13.65 25.87 -26.00
N ASP C 12 14.49 25.79 -24.98
CA ASP C 12 15.59 24.83 -24.97
C ASP C 12 15.17 23.37 -25.11
N ARG C 13 15.56 22.75 -26.22
CA ARG C 13 15.24 21.35 -26.45
C ARG C 13 16.39 20.47 -25.98
N PHE C 14 16.05 19.30 -25.43
CA PHE C 14 17.06 18.31 -25.08
C PHE C 14 16.66 16.97 -25.73
N ASP C 15 17.53 15.98 -25.63
CA ASP C 15 17.27 14.68 -26.23
C ASP C 15 18.13 13.61 -25.55
N SER C 16 17.53 12.45 -25.32
CA SER C 16 18.23 11.34 -24.67
C SER C 16 18.61 10.27 -25.69
N ALA C 17 19.34 9.26 -25.22
CA ALA C 17 19.71 8.12 -26.05
C ALA C 17 18.43 7.30 -26.32
N ARG C 18 18.59 6.22 -27.08
CA ARG C 18 17.47 5.34 -27.38
C ARG C 18 17.52 4.14 -26.44
N HIS C 19 16.39 3.47 -26.28
CA HIS C 19 16.29 2.30 -25.43
C HIS C 19 15.25 1.36 -26.02
N ARG C 20 15.66 0.13 -26.31
CA ARG C 20 14.75 -0.85 -26.89
C ARG C 20 14.01 -1.57 -25.78
N VAL C 21 12.71 -1.70 -25.94
CA VAL C 21 11.88 -2.39 -24.97
C VAL C 21 11.55 -3.81 -25.43
N GLU C 22 12.12 -4.78 -24.72
CA GLU C 22 11.87 -6.19 -25.03
C GLU C 22 10.69 -6.71 -24.21
N ALA C 23 9.99 -7.70 -24.75
CA ALA C 23 8.82 -8.29 -24.10
C ALA C 23 9.11 -8.92 -22.75
N ALA C 24 10.34 -9.42 -22.59
CA ALA C 24 10.75 -10.07 -21.34
C ALA C 24 10.82 -9.06 -20.22
N ALA C 25 11.35 -7.87 -20.54
CA ALA C 25 11.45 -6.80 -19.55
C ALA C 25 10.05 -6.29 -19.21
N ILE C 26 9.15 -6.30 -20.19
CA ILE C 26 7.78 -5.86 -20.00
C ILE C 26 7.09 -6.69 -18.91
N LYS C 27 7.23 -8.02 -19.01
CA LYS C 27 6.58 -8.91 -18.04
C LYS C 27 7.29 -8.95 -16.70
N ALA C 28 8.56 -8.59 -16.69
CA ALA C 28 9.33 -8.58 -15.45
C ALA C 28 8.88 -7.37 -14.61
N PHE C 29 8.79 -6.20 -15.24
CA PHE C 29 8.33 -5.03 -14.51
C PHE C 29 6.88 -5.24 -14.08
N ALA C 30 6.04 -5.74 -14.99
CA ALA C 30 4.62 -5.94 -14.70
C ALA C 30 4.35 -7.00 -13.63
N GLY C 31 5.16 -8.06 -13.63
CA GLY C 31 5.01 -9.11 -12.63
C GLY C 31 5.25 -8.53 -11.25
N GLU C 32 6.13 -7.55 -11.16
CA GLU C 32 6.43 -6.93 -9.89
C GLU C 32 5.55 -5.73 -9.51
N PHE C 33 5.17 -4.90 -10.49
CA PHE C 33 4.44 -3.69 -10.19
C PHE C 33 3.07 -3.45 -10.84
N ASP C 34 2.73 -4.22 -11.87
CA ASP C 34 1.44 -4.04 -12.54
C ASP C 34 0.98 -5.41 -13.01
N PRO C 35 0.72 -6.33 -12.06
CA PRO C 35 0.29 -7.71 -12.29
C PRO C 35 -1.06 -7.92 -12.99
N GLN C 36 -1.17 -7.39 -14.20
CA GLN C 36 -2.41 -7.53 -14.98
C GLN C 36 -2.20 -8.41 -16.22
N PRO C 37 -3.18 -9.24 -16.55
CA PRO C 37 -3.09 -10.13 -17.71
C PRO C 37 -2.60 -9.49 -19.01
N PHE C 38 -3.10 -8.31 -19.34
CA PHE C 38 -2.67 -7.68 -20.59
C PHE C 38 -1.22 -7.19 -20.56
N HIS C 39 -0.59 -7.24 -19.39
CA HIS C 39 0.82 -6.87 -19.27
C HIS C 39 1.72 -8.07 -18.98
N LEU C 40 1.13 -9.25 -18.75
CA LEU C 40 1.87 -10.47 -18.43
C LEU C 40 1.77 -11.57 -19.48
N ASP C 41 0.65 -11.61 -20.18
CA ASP C 41 0.35 -12.69 -21.10
C ASP C 41 0.02 -12.27 -22.52
N GLU C 42 0.80 -12.78 -23.47
CA GLU C 42 0.61 -12.49 -24.89
C GLU C 42 -0.81 -12.79 -25.38
N GLU C 43 -1.36 -13.92 -24.94
CA GLU C 43 -2.70 -14.34 -25.36
C GLU C 43 -3.81 -13.53 -24.70
N ALA C 44 -3.70 -13.29 -23.41
CA ALA C 44 -4.73 -12.52 -22.71
C ALA C 44 -4.72 -11.06 -23.16
N ALA C 45 -3.58 -10.57 -23.62
CA ALA C 45 -3.47 -9.19 -24.06
C ALA C 45 -4.14 -8.95 -25.40
N ARG C 46 -4.06 -9.92 -26.31
CA ARG C 46 -4.71 -9.76 -27.61
C ARG C 46 -6.24 -9.71 -27.43
N HIS C 47 -6.73 -10.23 -26.31
CA HIS C 47 -8.17 -10.22 -26.03
C HIS C 47 -8.60 -9.04 -25.15
N SER C 48 -7.86 -7.94 -25.24
CA SER C 48 -8.16 -6.78 -24.40
C SER C 48 -8.13 -5.49 -25.22
N LEU C 49 -8.45 -4.38 -24.56
CA LEU C 49 -8.40 -3.07 -25.20
C LEU C 49 -7.05 -2.85 -25.90
N PHE C 50 -6.03 -3.58 -25.47
CA PHE C 50 -4.69 -3.42 -26.04
C PHE C 50 -4.47 -4.25 -27.30
N GLY C 51 -5.19 -5.37 -27.42
CA GLY C 51 -5.03 -6.26 -28.57
C GLY C 51 -3.58 -6.68 -28.77
N GLY C 52 -2.95 -7.19 -27.71
CA GLY C 52 -1.55 -7.60 -27.81
C GLY C 52 -0.73 -7.03 -26.66
N LEU C 53 0.34 -7.75 -26.30
CA LEU C 53 1.21 -7.35 -25.20
C LEU C 53 1.55 -5.87 -25.19
N ALA C 54 1.39 -5.23 -24.04
CA ALA C 54 1.73 -3.82 -23.92
C ALA C 54 2.45 -3.58 -22.61
N ALA C 55 3.34 -2.60 -22.60
CA ALA C 55 4.06 -2.23 -21.40
C ALA C 55 3.13 -1.46 -20.47
N SER C 56 3.28 -1.67 -19.17
CA SER C 56 2.50 -0.90 -18.20
C SER C 56 2.91 0.58 -18.37
N GLY C 57 1.92 1.48 -18.28
CA GLY C 57 2.18 2.91 -18.37
C GLY C 57 3.29 3.28 -17.40
N TRP C 58 3.25 2.69 -16.21
CA TRP C 58 4.26 2.95 -15.19
C TRP C 58 5.64 2.40 -15.55
N HIS C 59 5.68 1.38 -16.41
CA HIS C 59 6.96 0.80 -16.87
C HIS C 59 7.56 1.83 -17.87
N THR C 60 6.73 2.34 -18.79
CA THR C 60 7.14 3.36 -19.76
C THR C 60 7.59 4.60 -18.97
N ALA C 61 6.85 4.94 -17.91
CA ALA C 61 7.18 6.09 -17.08
C ALA C 61 8.56 5.90 -16.44
N ALA C 62 8.85 4.69 -15.97
CA ALA C 62 10.14 4.39 -15.34
C ALA C 62 11.28 4.45 -16.36
N ILE C 63 11.06 3.82 -17.51
CA ILE C 63 12.04 3.85 -18.59
C ILE C 63 12.33 5.33 -18.97
N THR C 64 11.28 6.14 -19.02
CA THR C 64 11.44 7.56 -19.38
C THR C 64 12.36 8.30 -18.43
N MSE C 65 12.20 8.06 -17.14
CA MSE C 65 13.02 8.71 -16.13
C MSE C 65 14.48 8.25 -16.21
O MSE C 65 15.39 9.02 -15.92
CB MSE C 65 12.47 8.43 -14.73
CG MSE C 65 13.25 9.11 -13.62
SE MSE C 65 13.14 11.07 -13.65
CE MSE C 65 15.03 11.52 -13.71
N ARG C 66 14.68 6.98 -16.56
CA ARG C 66 16.03 6.45 -16.70
C ARG C 66 16.79 7.29 -17.74
N LEU C 67 16.25 7.38 -18.95
CA LEU C 67 16.88 8.15 -20.02
C LEU C 67 17.11 9.61 -19.60
N LEU C 68 16.12 10.22 -18.98
CA LEU C 68 16.22 11.59 -18.50
C LEU C 68 17.41 11.78 -17.56
N VAL C 69 17.61 10.84 -16.66
CA VAL C 69 18.72 10.94 -15.73
C VAL C 69 20.07 10.75 -16.41
N THR C 70 20.16 9.72 -17.24
CA THR C 70 21.41 9.36 -17.87
C THR C 70 21.85 10.19 -19.05
N SER C 71 20.89 10.70 -19.82
CA SER C 71 21.23 11.51 -20.97
C SER C 71 20.17 12.53 -21.42
N GLY C 72 18.92 12.27 -21.04
CA GLY C 72 17.82 13.15 -21.43
C GLY C 72 17.84 14.60 -20.97
N LEU C 73 18.23 14.85 -19.74
CA LEU C 73 18.27 16.21 -19.20
C LEU C 73 19.55 16.41 -18.41
N PRO C 74 20.58 16.98 -19.05
CA PRO C 74 21.89 17.24 -18.45
C PRO C 74 21.88 18.27 -17.32
N LEU C 75 21.34 17.91 -16.17
CA LEU C 75 21.31 18.83 -15.03
C LEU C 75 22.46 18.47 -14.10
N ALA C 76 23.23 19.53 -13.72
CA ALA C 76 24.38 19.32 -12.87
C ALA C 76 24.05 18.80 -11.49
N GLN C 77 22.90 19.20 -10.97
CA GLN C 77 22.50 18.83 -9.62
C GLN C 77 21.43 17.76 -9.50
N GLY C 78 20.96 17.29 -10.65
CA GLY C 78 19.96 16.24 -10.67
C GLY C 78 18.56 16.64 -11.02
N ILE C 79 17.65 15.67 -11.04
CA ILE C 79 16.26 15.93 -11.36
C ILE C 79 15.40 15.73 -10.10
N ILE C 80 14.98 16.84 -9.50
CA ILE C 80 14.12 16.78 -8.32
C ILE C 80 12.74 17.34 -8.68
N GLY C 81 11.84 16.43 -9.03
CA GLY C 81 10.50 16.81 -9.42
C GLY C 81 9.49 16.91 -8.31
N ALA C 82 8.65 17.94 -8.36
CA ALA C 82 7.62 18.12 -7.35
C ALA C 82 6.31 17.46 -7.85
N GLY C 83 6.10 17.47 -9.17
CA GLY C 83 4.90 16.90 -9.74
C GLY C 83 4.88 16.98 -11.25
N THR C 84 4.01 16.21 -11.88
CA THR C 84 3.92 16.18 -13.33
C THR C 84 2.51 15.82 -13.79
N GLU C 85 2.22 16.13 -15.06
CA GLU C 85 0.94 15.75 -15.66
C GLU C 85 1.33 14.70 -16.72
N LEU C 86 0.85 13.48 -16.53
CA LEU C 86 1.14 12.37 -17.44
C LEU C 86 0.01 11.95 -18.32
N SER C 87 0.35 11.52 -19.54
CA SER C 87 -0.62 10.96 -20.46
C SER C 87 0.07 9.93 -21.35
N TRP C 88 -0.63 8.85 -21.68
CA TRP C 88 -0.07 7.79 -22.52
C TRP C 88 -0.92 7.73 -23.79
N PRO C 89 -0.55 8.51 -24.82
CA PRO C 89 -1.31 8.51 -26.08
C PRO C 89 -1.37 7.12 -26.70
N ASN C 90 -0.20 6.51 -26.90
CA ASN C 90 -0.13 5.19 -27.51
C ASN C 90 0.59 4.19 -26.63
N PRO C 91 0.18 2.90 -26.70
CA PRO C 91 0.78 1.81 -25.92
C PRO C 91 2.24 1.56 -26.30
N THR C 92 3.03 1.07 -25.34
CA THR C 92 4.41 0.68 -25.61
C THR C 92 4.30 -0.82 -25.95
N ARG C 93 4.89 -1.21 -27.07
CA ARG C 93 4.85 -2.60 -27.54
C ARG C 93 6.22 -3.25 -27.53
N PRO C 94 6.27 -4.59 -27.56
CA PRO C 94 7.54 -5.31 -27.59
C PRO C 94 8.28 -4.87 -28.88
N GLY C 95 9.61 -4.82 -28.83
CA GLY C 95 10.42 -4.45 -29.98
C GLY C 95 10.57 -2.97 -30.24
N ASP C 96 9.86 -2.17 -29.46
CA ASP C 96 9.88 -0.72 -29.59
C ASP C 96 11.15 -0.05 -29.11
N GLU C 97 11.61 0.96 -29.85
CA GLU C 97 12.79 1.73 -29.44
C GLU C 97 12.29 3.11 -28.97
N LEU C 98 12.70 3.49 -27.78
CA LEU C 98 12.23 4.73 -27.19
C LEU C 98 13.29 5.76 -26.92
N HIS C 99 12.94 7.03 -27.11
CA HIS C 99 13.86 8.10 -26.79
C HIS C 99 13.02 9.25 -26.26
N VAL C 100 13.62 10.09 -25.42
CA VAL C 100 12.88 11.19 -24.82
C VAL C 100 13.26 12.57 -25.32
N GLU C 101 12.27 13.30 -25.81
CA GLU C 101 12.50 14.65 -26.30
C GLU C 101 11.92 15.62 -25.27
N THR C 102 12.80 16.39 -24.64
CA THR C 102 12.42 17.32 -23.60
C THR C 102 12.51 18.77 -24.02
N THR C 103 11.50 19.56 -23.64
CA THR C 103 11.48 20.97 -23.97
C THR C 103 11.13 21.86 -22.77
N VAL C 104 11.89 22.93 -22.58
CA VAL C 104 11.61 23.88 -21.51
C VAL C 104 10.40 24.72 -21.97
N LEU C 105 9.48 24.97 -21.05
CA LEU C 105 8.26 25.71 -21.34
C LEU C 105 8.17 27.00 -20.58
N ALA C 106 8.67 26.98 -19.35
CA ALA C 106 8.60 28.13 -18.49
C ALA C 106 9.57 28.03 -17.31
N ILE C 107 10.00 29.19 -16.81
CA ILE C 107 10.88 29.26 -15.66
C ILE C 107 10.28 30.28 -14.71
N THR C 108 9.98 29.85 -13.48
CA THR C 108 9.39 30.74 -12.51
C THR C 108 10.30 30.86 -11.29
N PRO C 109 11.18 31.89 -11.31
CA PRO C 109 12.12 32.14 -10.21
C PRO C 109 11.38 32.42 -8.90
N SER C 110 11.84 31.80 -7.82
CA SER C 110 11.23 32.05 -6.51
C SER C 110 11.59 33.49 -6.09
N LYS C 111 10.58 34.26 -5.69
CA LYS C 111 10.80 35.64 -5.25
C LYS C 111 11.31 35.62 -3.80
N SER C 112 10.95 34.56 -3.05
CA SER C 112 11.37 34.39 -1.65
C SER C 112 12.67 33.61 -1.57
N ARG C 113 13.03 32.94 -2.68
CA ARG C 113 14.31 32.27 -2.80
C ARG C 113 14.88 32.50 -4.19
N PRO C 114 15.50 33.67 -4.43
CA PRO C 114 16.08 33.99 -5.74
C PRO C 114 17.14 32.91 -6.05
N ASP C 115 17.35 32.02 -5.10
CA ASP C 115 18.30 30.91 -5.22
C ASP C 115 17.87 29.88 -6.27
N ARG C 116 16.58 29.78 -6.53
CA ARG C 116 16.09 28.78 -7.48
C ARG C 116 14.86 29.18 -8.27
N ALA C 117 14.42 28.26 -9.11
CA ALA C 117 13.27 28.44 -9.96
C ALA C 117 12.58 27.11 -10.17
N ILE C 118 11.28 27.14 -10.49
CA ILE C 118 10.57 25.91 -10.80
C ILE C 118 10.50 25.87 -12.33
N VAL C 119 11.27 24.97 -12.92
CA VAL C 119 11.31 24.84 -14.37
C VAL C 119 10.28 23.85 -14.87
N THR C 120 9.60 24.22 -15.95
CA THR C 120 8.56 23.39 -16.53
C THR C 120 9.04 22.71 -17.81
N CYS C 121 9.55 21.50 -17.66
CA CYS C 121 10.03 20.76 -18.82
C CYS C 121 8.98 19.75 -19.29
N GLN C 122 8.69 19.77 -20.59
CA GLN C 122 7.77 18.82 -21.17
C GLN C 122 8.55 17.73 -21.93
N SER C 123 8.48 16.50 -21.43
CA SER C 123 9.16 15.37 -22.06
C SER C 123 8.19 14.47 -22.83
N ASP C 124 8.45 14.29 -24.13
CA ASP C 124 7.65 13.39 -24.92
C ASP C 124 8.51 12.14 -25.20
N THR C 125 7.99 10.97 -24.83
CA THR C 125 8.68 9.71 -25.09
C THR C 125 8.07 9.16 -26.38
N LEU C 126 8.89 9.06 -27.42
CA LEU C 126 8.41 8.57 -28.71
C LEU C 126 9.01 7.24 -29.12
N ASN C 127 8.20 6.41 -29.77
CA ASN C 127 8.72 5.16 -30.31
C ASN C 127 9.38 5.46 -31.69
N GLN C 128 9.80 4.42 -32.40
CA GLN C 128 10.50 4.60 -33.67
C GLN C 128 9.62 5.17 -34.76
N ARG C 129 8.35 4.79 -34.76
CA ARG C 129 7.37 5.26 -35.73
C ARG C 129 6.98 6.73 -35.52
N GLY C 130 7.73 7.44 -34.67
CA GLY C 130 7.47 8.84 -34.41
C GLY C 130 6.28 9.14 -33.53
N GLU C 131 5.68 8.10 -32.97
CA GLU C 131 4.51 8.23 -32.12
C GLU C 131 4.83 8.59 -30.68
N VAL C 132 3.85 9.14 -29.97
CA VAL C 132 4.06 9.46 -28.57
C VAL C 132 3.45 8.35 -27.70
N VAL C 133 4.27 7.77 -26.82
CA VAL C 133 3.82 6.71 -25.91
C VAL C 133 3.65 7.32 -24.52
N GLN C 134 4.19 8.52 -24.33
CA GLN C 134 4.00 9.19 -23.07
C GLN C 134 4.45 10.64 -23.06
N ARG C 135 3.59 11.51 -22.54
CA ARG C 135 4.02 12.89 -22.35
C ARG C 135 4.02 13.18 -20.84
N SER C 136 5.08 13.85 -20.38
CA SER C 136 5.20 14.22 -18.98
C SER C 136 5.52 15.70 -18.84
N THR C 137 4.49 16.52 -18.59
CA THR C 137 4.67 17.96 -18.39
C THR C 137 4.99 18.12 -16.90
N ALA C 138 6.29 18.13 -16.59
CA ALA C 138 6.79 18.16 -15.22
C ALA C 138 7.38 19.43 -14.67
N LYS C 139 7.35 19.57 -13.35
CA LYS C 139 7.90 20.74 -12.67
C LYS C 139 9.09 20.34 -11.79
N VAL C 140 10.26 20.86 -12.14
CA VAL C 140 11.49 20.54 -11.42
C VAL C 140 12.14 21.78 -10.81
N VAL C 141 12.45 21.71 -9.51
CA VAL C 141 13.12 22.82 -8.82
C VAL C 141 14.60 22.82 -9.21
N VAL C 142 15.08 23.95 -9.71
CA VAL C 142 16.46 24.08 -10.18
C VAL C 142 17.27 25.14 -9.41
N PHE C 143 18.51 24.80 -9.09
CA PHE C 143 19.38 25.66 -8.30
C PHE C 143 20.21 26.63 -9.15
N ARG C 144 20.92 27.53 -8.47
CA ARG C 144 21.85 28.43 -9.15
C ARG C 144 23.28 27.91 -8.85
N ARG C 145 24.24 28.25 -9.69
CA ARG C 145 25.61 27.75 -9.55
C ARG C 145 26.38 28.28 -8.35
N GLY D 2 -20.33 -17.82 6.65
CA GLY D 2 -19.32 -18.62 5.90
C GLY D 2 -19.33 -18.28 4.43
N LEU D 3 -18.16 -17.94 3.89
CA LEU D 3 -18.01 -17.59 2.49
C LEU D 3 -17.39 -18.76 1.71
N PHE D 4 -17.79 -18.89 0.44
CA PHE D 4 -17.23 -19.92 -0.43
C PHE D 4 -16.47 -19.16 -1.53
N LEU D 5 -15.70 -19.84 -2.37
CA LEU D 5 -14.93 -19.16 -3.41
C LEU D 5 -15.66 -18.05 -4.17
N GLU D 6 -16.92 -18.29 -4.52
CA GLU D 6 -17.70 -17.32 -5.30
C GLU D 6 -17.95 -16.00 -4.62
N ASP D 7 -17.94 -16.03 -3.30
CA ASP D 7 -18.21 -14.84 -2.51
C ASP D 7 -16.96 -13.96 -2.38
N LEU D 8 -15.83 -14.45 -2.85
CA LEU D 8 -14.58 -13.71 -2.71
C LEU D 8 -14.16 -12.91 -3.92
N ALA D 9 -13.53 -11.77 -3.67
CA ALA D 9 -13.09 -10.91 -4.76
C ALA D 9 -11.84 -10.16 -4.33
N VAL D 10 -10.87 -10.04 -5.23
CA VAL D 10 -9.65 -9.30 -4.93
C VAL D 10 -10.04 -7.94 -4.34
N GLY D 11 -9.38 -7.57 -3.25
CA GLY D 11 -9.66 -6.31 -2.60
C GLY D 11 -10.51 -6.43 -1.35
N ASP D 12 -11.23 -7.54 -1.24
CA ASP D 12 -12.09 -7.79 -0.08
C ASP D 12 -11.32 -7.72 1.23
N ARG D 13 -11.83 -6.96 2.20
CA ARG D 13 -11.15 -6.89 3.49
C ARG D 13 -12.02 -7.39 4.65
N PHE D 14 -11.39 -8.09 5.58
CA PHE D 14 -12.05 -8.61 6.77
C PHE D 14 -11.28 -8.19 8.02
N ASP D 15 -12.03 -7.82 9.06
CA ASP D 15 -11.48 -7.41 10.34
C ASP D 15 -11.87 -8.39 11.43
N SER D 16 -10.91 -8.81 12.24
CA SER D 16 -11.21 -9.73 13.32
C SER D 16 -11.55 -8.94 14.59
N ALA D 17 -12.05 -9.68 15.59
CA ALA D 17 -12.33 -9.11 16.90
C ALA D 17 -10.94 -8.97 17.59
N ARG D 18 -10.91 -8.33 18.75
CA ARG D 18 -9.68 -8.08 19.49
C ARG D 18 -9.27 -9.15 20.49
N HIS D 19 -7.99 -9.16 20.81
CA HIS D 19 -7.43 -10.07 21.79
C HIS D 19 -6.30 -9.34 22.55
N ARG D 20 -6.38 -9.30 23.88
CA ARG D 20 -5.36 -8.63 24.70
C ARG D 20 -4.28 -9.63 25.17
N VAL D 21 -3.02 -9.30 24.90
CA VAL D 21 -1.89 -10.15 25.26
C VAL D 21 -1.37 -9.74 26.64
N GLU D 22 -1.40 -10.65 27.60
CA GLU D 22 -0.96 -10.33 28.96
C GLU D 22 0.40 -10.95 29.24
N ALA D 23 1.18 -10.32 30.11
CA ALA D 23 2.51 -10.82 30.41
C ALA D 23 2.44 -12.28 30.84
N ALA D 24 1.44 -12.63 31.65
CA ALA D 24 1.33 -14.01 32.11
C ALA D 24 1.10 -14.99 30.96
N ALA D 25 0.32 -14.57 29.96
CA ALA D 25 0.05 -15.42 28.80
C ALA D 25 1.29 -15.55 27.92
N ILE D 26 2.05 -14.46 27.81
CA ILE D 26 3.28 -14.48 27.03
C ILE D 26 4.27 -15.54 27.57
N LYS D 27 4.41 -15.60 28.90
CA LYS D 27 5.31 -16.56 29.56
C LYS D 27 4.82 -17.99 29.50
N ALA D 28 3.50 -18.17 29.64
CA ALA D 28 2.92 -19.51 29.58
C ALA D 28 3.16 -20.14 28.18
N PHE D 29 3.01 -19.36 27.11
CA PHE D 29 3.26 -19.92 25.78
C PHE D 29 4.76 -20.15 25.58
N ALA D 30 5.57 -19.20 26.05
CA ALA D 30 7.02 -19.34 25.93
C ALA D 30 7.47 -20.59 26.70
N GLY D 31 6.94 -20.78 27.92
CA GLY D 31 7.31 -21.95 28.71
C GLY D 31 6.98 -23.23 27.95
N GLU D 32 5.90 -23.19 27.20
CA GLU D 32 5.49 -24.37 26.45
C GLU D 32 6.17 -24.60 25.09
N PHE D 33 6.43 -23.55 24.32
CA PHE D 33 6.99 -23.72 22.97
C PHE D 33 8.18 -22.85 22.56
N ASP D 34 8.48 -21.79 23.31
CA ASP D 34 9.59 -20.89 22.98
C ASP D 34 10.20 -20.46 24.32
N PRO D 35 10.82 -21.42 25.04
CA PRO D 35 11.44 -21.20 26.34
C PRO D 35 12.75 -20.43 26.36
N GLN D 36 12.68 -19.16 25.95
CA GLN D 36 13.84 -18.30 25.91
C GLN D 36 13.71 -17.18 26.93
N PRO D 37 14.83 -16.77 27.53
CA PRO D 37 14.89 -15.72 28.54
C PRO D 37 14.10 -14.45 28.27
N PHE D 38 14.21 -13.89 27.08
CA PHE D 38 13.48 -12.67 26.79
C PHE D 38 11.96 -12.85 26.63
N HIS D 39 11.47 -14.08 26.66
CA HIS D 39 10.03 -14.33 26.59
C HIS D 39 9.54 -14.90 27.91
N LEU D 40 10.45 -15.09 28.85
CA LEU D 40 10.11 -15.70 30.13
C LEU D 40 10.33 -14.84 31.34
N ASP D 41 11.26 -13.90 31.22
CA ASP D 41 11.67 -13.09 32.35
C ASP D 41 11.92 -11.62 31.99
N GLU D 42 11.25 -10.73 32.69
CA GLU D 42 11.36 -9.32 32.40
C GLU D 42 12.75 -8.71 32.51
N GLU D 43 13.50 -9.07 33.56
CA GLU D 43 14.83 -8.51 33.72
C GLU D 43 15.79 -8.97 32.62
N ALA D 44 15.73 -10.26 32.27
CA ALA D 44 16.56 -10.79 31.19
C ALA D 44 16.07 -10.20 29.85
N ALA D 45 14.77 -9.96 29.70
CA ALA D 45 14.23 -9.37 28.47
C ALA D 45 14.74 -7.90 28.31
N ARG D 46 14.90 -7.18 29.42
CA ARG D 46 15.42 -5.81 29.39
C ARG D 46 16.84 -5.80 28.82
N HIS D 47 17.64 -6.79 29.21
CA HIS D 47 19.02 -6.88 28.73
C HIS D 47 19.11 -7.38 27.30
N SER D 48 18.00 -7.87 26.75
CA SER D 48 18.01 -8.41 25.40
C SER D 48 17.71 -7.35 24.35
N LEU D 49 17.75 -7.75 23.07
CA LEU D 49 17.47 -6.86 21.97
C LEU D 49 16.01 -6.34 22.03
N PHE D 50 15.14 -7.05 22.76
CA PHE D 50 13.74 -6.66 22.89
C PHE D 50 13.56 -5.46 23.82
N GLY D 51 14.46 -5.31 24.79
CA GLY D 51 14.40 -4.18 25.70
C GLY D 51 13.33 -4.26 26.75
N GLY D 52 12.72 -5.43 26.85
CA GLY D 52 11.64 -5.65 27.79
C GLY D 52 10.86 -6.86 27.30
N LEU D 53 10.00 -7.40 28.16
CA LEU D 53 9.23 -8.57 27.80
C LEU D 53 8.52 -8.38 26.46
N ALA D 54 8.62 -9.39 25.61
CA ALA D 54 7.94 -9.38 24.31
C ALA D 54 7.41 -10.80 24.06
N ALA D 55 6.34 -10.93 23.30
CA ALA D 55 5.82 -12.27 23.04
C ALA D 55 6.63 -12.98 21.95
N SER D 56 6.58 -14.31 21.97
CA SER D 56 7.27 -15.07 20.94
C SER D 56 6.50 -14.77 19.64
N GLY D 57 7.24 -14.60 18.55
CA GLY D 57 6.64 -14.37 17.25
C GLY D 57 5.69 -15.52 16.92
N TRP D 58 6.00 -16.73 17.39
CA TRP D 58 5.14 -17.90 17.14
C TRP D 58 3.86 -17.84 17.97
N HIS D 59 3.92 -17.16 19.11
CA HIS D 59 2.77 -16.98 19.99
C HIS D 59 1.86 -15.99 19.25
N THR D 60 2.44 -14.94 18.70
CA THR D 60 1.68 -13.94 17.96
C THR D 60 1.02 -14.62 16.75
N ALA D 61 1.71 -15.55 16.11
CA ALA D 61 1.16 -16.25 14.94
C ALA D 61 -0.01 -17.15 15.38
N ALA D 62 0.12 -17.78 16.54
CA ALA D 62 -0.94 -18.65 17.06
C ALA D 62 -2.17 -17.82 17.42
N ILE D 63 -1.93 -16.65 18.01
CA ILE D 63 -3.02 -15.75 18.38
C ILE D 63 -3.73 -15.29 17.11
N THR D 64 -2.96 -14.93 16.09
CA THR D 64 -3.52 -14.48 14.82
C THR D 64 -4.42 -15.54 14.19
N MSE D 65 -3.96 -16.79 14.15
CA MSE D 65 -4.77 -17.84 13.55
C MSE D 65 -6.12 -17.93 14.27
O MSE D 65 -7.17 -17.99 13.64
CB MSE D 65 -4.06 -19.19 13.60
CG MSE D 65 -4.83 -20.29 12.88
SE MSE D 65 -5.14 -19.92 10.97
CE MSE D 65 -6.87 -19.06 11.08
N ARG D 66 -6.08 -17.96 15.60
CA ARG D 66 -7.33 -18.06 16.34
C ARG D 66 -8.29 -16.92 15.97
N LEU D 67 -7.76 -15.69 15.89
CA LEU D 67 -8.56 -14.53 15.51
C LEU D 67 -9.13 -14.70 14.10
N LEU D 68 -8.36 -15.35 13.23
CA LEU D 68 -8.78 -15.60 11.85
C LEU D 68 -9.90 -16.66 11.84
N VAL D 69 -9.69 -17.74 12.58
CA VAL D 69 -10.69 -18.80 12.62
C VAL D 69 -12.01 -18.33 13.25
N THR D 70 -11.93 -17.53 14.31
CA THR D 70 -13.14 -17.10 14.99
C THR D 70 -13.82 -15.85 14.43
N SER D 71 -13.11 -14.99 13.71
CA SER D 71 -13.75 -13.78 13.20
C SER D 71 -13.14 -13.11 11.97
N GLY D 72 -11.81 -13.10 11.90
CA GLY D 72 -11.10 -12.44 10.82
C GLY D 72 -11.13 -12.93 9.39
N LEU D 73 -11.39 -14.22 9.17
CA LEU D 73 -11.46 -14.77 7.80
C LEU D 73 -12.59 -15.77 7.83
N PRO D 74 -13.81 -15.27 7.64
CA PRO D 74 -15.01 -16.08 7.66
C PRO D 74 -15.28 -17.04 6.51
N LEU D 75 -14.39 -17.99 6.33
CA LEU D 75 -14.52 -19.02 5.29
C LEU D 75 -15.38 -20.16 5.83
N ALA D 76 -16.45 -20.48 5.13
CA ALA D 76 -17.36 -21.55 5.54
C ALA D 76 -16.68 -22.90 5.72
N GLN D 77 -15.81 -23.29 4.80
CA GLN D 77 -15.17 -24.59 4.93
C GLN D 77 -13.84 -24.57 5.68
N GLY D 78 -13.55 -23.45 6.33
CA GLY D 78 -12.34 -23.39 7.12
C GLY D 78 -11.13 -22.79 6.47
N ILE D 79 -10.03 -22.75 7.21
CA ILE D 79 -8.79 -22.14 6.71
C ILE D 79 -7.69 -23.20 6.61
N ILE D 80 -7.34 -23.52 5.37
CA ILE D 80 -6.34 -24.53 5.06
C ILE D 80 -5.29 -23.86 4.20
N GLY D 81 -4.08 -23.76 4.73
CA GLY D 81 -3.03 -23.10 4.00
C GLY D 81 -1.89 -23.99 3.61
N ALA D 82 -1.24 -23.63 2.51
CA ALA D 82 -0.11 -24.40 2.02
C ALA D 82 1.18 -23.69 2.46
N GLY D 83 1.08 -22.38 2.66
CA GLY D 83 2.23 -21.60 3.04
C GLY D 83 1.97 -20.11 3.13
N THR D 84 2.94 -19.39 3.68
CA THR D 84 2.83 -17.96 3.86
C THR D 84 4.20 -17.36 4.05
N GLU D 85 4.35 -16.07 3.71
CA GLU D 85 5.59 -15.39 4.02
C GLU D 85 5.20 -14.57 5.28
N LEU D 86 5.94 -14.84 6.36
CA LEU D 86 5.69 -14.25 7.67
C LEU D 86 6.71 -13.19 8.00
N SER D 87 6.26 -12.19 8.75
CA SER D 87 7.11 -11.07 9.09
C SER D 87 6.69 -10.55 10.47
N TRP D 88 7.64 -10.02 11.24
CA TRP D 88 7.33 -9.45 12.55
C TRP D 88 8.05 -8.10 12.65
N PRO D 89 7.47 -7.03 12.07
CA PRO D 89 8.08 -5.69 12.10
C PRO D 89 8.32 -5.03 13.45
N ASN D 90 7.44 -5.31 14.41
CA ASN D 90 7.53 -4.75 15.75
C ASN D 90 7.22 -5.81 16.77
N PRO D 91 7.84 -5.74 17.96
CA PRO D 91 7.57 -6.75 18.99
C PRO D 91 6.16 -6.64 19.55
N THR D 92 5.60 -7.78 19.95
CA THR D 92 4.27 -7.84 20.57
C THR D 92 4.55 -7.68 22.06
N ARG D 93 3.94 -6.67 22.67
CA ARG D 93 4.14 -6.31 24.08
C ARG D 93 3.00 -6.65 25.02
N PRO D 94 3.31 -6.81 26.33
CA PRO D 94 2.24 -7.12 27.28
C PRO D 94 1.32 -5.91 27.34
N GLY D 95 0.01 -6.16 27.43
CA GLY D 95 -0.95 -5.09 27.49
C GLY D 95 -1.40 -4.66 26.10
N ASP D 96 -0.92 -5.38 25.08
CA ASP D 96 -1.28 -5.09 23.69
C ASP D 96 -2.66 -5.62 23.32
N GLU D 97 -3.43 -4.79 22.62
CA GLU D 97 -4.76 -5.18 22.12
C GLU D 97 -4.56 -5.45 20.64
N LEU D 98 -4.71 -6.71 20.27
CA LEU D 98 -4.48 -7.16 18.91
C LEU D 98 -5.70 -7.45 18.07
N HIS D 99 -5.67 -7.06 16.81
CA HIS D 99 -6.74 -7.40 15.89
C HIS D 99 -6.08 -7.63 14.53
N VAL D 100 -6.77 -8.32 13.63
CA VAL D 100 -6.20 -8.61 12.33
C VAL D 100 -7.02 -8.05 11.18
N GLU D 101 -6.34 -7.41 10.23
CA GLU D 101 -6.99 -6.88 9.03
C GLU D 101 -6.46 -7.74 7.87
N THR D 102 -7.36 -8.48 7.26
CA THR D 102 -7.06 -9.40 6.18
C THR D 102 -7.66 -8.94 4.85
N THR D 103 -6.82 -8.96 3.82
CA THR D 103 -7.21 -8.54 2.48
C THR D 103 -6.89 -9.62 1.43
N VAL D 104 -7.86 -9.89 0.56
CA VAL D 104 -7.68 -10.84 -0.54
C VAL D 104 -6.87 -10.10 -1.63
N LEU D 105 -5.70 -10.63 -1.96
CA LEU D 105 -4.82 -10.01 -2.95
C LEU D 105 -4.84 -10.70 -4.31
N ALA D 106 -5.24 -11.96 -4.34
CA ALA D 106 -5.31 -12.69 -5.60
C ALA D 106 -6.14 -13.95 -5.43
N ILE D 107 -6.70 -14.42 -6.53
CA ILE D 107 -7.53 -15.61 -6.57
C ILE D 107 -7.09 -16.34 -7.84
N THR D 108 -6.46 -17.50 -7.66
CA THR D 108 -5.92 -18.30 -8.76
C THR D 108 -6.58 -19.68 -8.81
N PRO D 109 -7.60 -19.83 -9.66
CA PRO D 109 -8.33 -21.10 -9.82
C PRO D 109 -7.46 -22.21 -10.41
N SER D 110 -7.71 -23.45 -10.01
CA SER D 110 -6.99 -24.60 -10.55
C SER D 110 -7.57 -24.94 -11.94
N LYS D 111 -6.69 -25.15 -12.91
CA LYS D 111 -7.14 -25.51 -14.24
C LYS D 111 -7.44 -27.02 -14.30
N SER D 112 -6.90 -27.77 -13.32
CA SER D 112 -7.12 -29.22 -13.22
C SER D 112 -8.26 -29.54 -12.25
N ARG D 113 -8.54 -28.63 -11.32
CA ARG D 113 -9.66 -28.80 -10.39
C ARG D 113 -10.45 -27.50 -10.27
N PRO D 114 -11.27 -27.19 -11.29
CA PRO D 114 -12.11 -25.99 -11.35
C PRO D 114 -12.94 -25.87 -10.09
N ASP D 115 -12.83 -26.91 -9.27
CA ASP D 115 -13.50 -27.00 -7.98
C ASP D 115 -12.95 -25.96 -6.97
N ARG D 116 -11.69 -25.61 -7.09
CA ARG D 116 -11.06 -24.75 -6.10
C ARG D 116 -10.07 -23.73 -6.64
N ALA D 117 -9.62 -22.84 -5.77
CA ALA D 117 -8.68 -21.82 -6.15
C ALA D 117 -7.69 -21.55 -5.03
N ILE D 118 -6.51 -21.04 -5.37
CA ILE D 118 -5.55 -20.65 -4.35
C ILE D 118 -5.85 -19.16 -4.16
N VAL D 119 -6.22 -18.80 -2.94
CA VAL D 119 -6.52 -17.42 -2.60
C VAL D 119 -5.39 -16.83 -1.76
N THR D 120 -4.78 -15.75 -2.24
CA THR D 120 -3.69 -15.10 -1.52
C THR D 120 -4.29 -14.08 -0.53
N CYS D 121 -4.09 -14.34 0.76
CA CYS D 121 -4.62 -13.48 1.82
C CYS D 121 -3.54 -12.83 2.66
N GLN D 122 -3.47 -11.49 2.64
CA GLN D 122 -2.51 -10.77 3.45
C GLN D 122 -3.15 -10.37 4.79
N SER D 123 -2.60 -10.88 5.87
CA SER D 123 -3.08 -10.58 7.20
C SER D 123 -2.10 -9.72 7.97
N ASP D 124 -2.56 -8.55 8.41
CA ASP D 124 -1.76 -7.64 9.23
C ASP D 124 -2.33 -7.65 10.65
N THR D 125 -1.54 -8.12 11.62
CA THR D 125 -1.95 -8.13 13.01
C THR D 125 -1.43 -6.81 13.59
N LEU D 126 -2.33 -5.96 14.05
CA LEU D 126 -1.95 -4.67 14.60
C LEU D 126 -2.28 -4.50 16.06
N ASN D 127 -1.51 -3.65 16.75
CA ASN D 127 -1.81 -3.34 18.16
C ASN D 127 -2.66 -2.07 18.21
N GLN D 128 -2.97 -1.58 19.40
CA GLN D 128 -3.82 -0.39 19.56
C GLN D 128 -3.18 0.91 19.06
N ARG D 129 -1.88 0.85 18.78
CA ARG D 129 -1.16 2.03 18.27
C ARG D 129 -1.08 2.00 16.75
N GLY D 130 -1.68 0.98 16.13
CA GLY D 130 -1.65 0.86 14.68
C GLY D 130 -0.35 0.29 14.14
N GLU D 131 0.47 -0.28 15.02
CA GLU D 131 1.74 -0.86 14.61
C GLU D 131 1.53 -2.30 14.20
N VAL D 132 2.19 -2.71 13.13
CA VAL D 132 2.09 -4.08 12.62
C VAL D 132 3.01 -4.99 13.42
N VAL D 133 2.43 -5.91 14.20
CA VAL D 133 3.26 -6.83 14.97
C VAL D 133 3.50 -8.12 14.19
N GLN D 134 2.75 -8.31 13.10
CA GLN D 134 2.92 -9.46 12.22
C GLN D 134 2.25 -9.25 10.87
N ARG D 135 2.92 -9.67 9.80
CA ARG D 135 2.33 -9.64 8.48
C ARG D 135 2.48 -11.07 7.97
N SER D 136 1.36 -11.66 7.57
CA SER D 136 1.32 -13.02 7.05
C SER D 136 0.63 -12.99 5.69
N THR D 137 1.38 -13.20 4.62
CA THR D 137 0.81 -13.21 3.27
C THR D 137 0.73 -14.68 2.91
N ALA D 138 -0.45 -15.25 3.15
CA ALA D 138 -0.69 -16.68 3.00
C ALA D 138 -1.45 -17.13 1.78
N LYS D 139 -1.25 -18.39 1.42
CA LYS D 139 -1.99 -18.96 0.32
C LYS D 139 -2.93 -20.03 0.90
N VAL D 140 -4.24 -19.84 0.70
CA VAL D 140 -5.24 -20.77 1.20
C VAL D 140 -6.12 -21.34 0.09
N VAL D 141 -6.55 -22.58 0.29
CA VAL D 141 -7.37 -23.30 -0.65
C VAL D 141 -8.84 -23.11 -0.31
N VAL D 142 -9.59 -22.56 -1.27
CA VAL D 142 -11.02 -22.31 -1.09
C VAL D 142 -11.79 -22.98 -2.23
N PHE D 143 -12.85 -23.70 -1.86
CA PHE D 143 -13.67 -24.43 -2.82
C PHE D 143 -14.95 -23.69 -3.17
N ARG D 144 -15.53 -24.02 -4.32
CA ARG D 144 -16.80 -23.45 -4.76
C ARG D 144 -17.85 -23.96 -3.76
N ARG D 145 -18.95 -23.23 -3.60
CA ARG D 145 -20.03 -23.70 -2.74
C ARG D 145 -20.54 -25.05 -3.31
N PRO D 146 -20.69 -26.06 -2.45
CA PRO D 146 -21.17 -27.37 -2.90
C PRO D 146 -22.56 -27.24 -3.52
N LEU D 147 -22.82 -28.00 -4.59
CA LEU D 147 -24.12 -27.97 -5.25
C LEU D 147 -25.25 -28.46 -4.32
N GLY E 2 -14.78 -8.14 -8.59
CA GLY E 2 -14.54 -7.09 -9.60
C GLY E 2 -15.75 -6.22 -9.84
N LEU E 3 -15.53 -4.91 -9.85
CA LEU E 3 -16.61 -3.99 -10.11
C LEU E 3 -16.63 -3.59 -11.59
N PHE E 4 -17.83 -3.29 -12.08
CA PHE E 4 -18.03 -2.81 -13.44
C PHE E 4 -18.58 -1.38 -13.36
N LEU E 5 -18.70 -0.72 -14.51
CA LEU E 5 -19.15 0.66 -14.54
C LEU E 5 -20.40 0.94 -13.72
N GLU E 6 -21.40 0.07 -13.84
CA GLU E 6 -22.64 0.23 -13.10
C GLU E 6 -22.48 0.19 -11.57
N ASP E 7 -21.40 -0.42 -11.10
CA ASP E 7 -21.18 -0.55 -9.66
C ASP E 7 -20.52 0.69 -9.05
N LEU E 8 -20.13 1.66 -9.87
CA LEU E 8 -19.41 2.83 -9.39
C LEU E 8 -20.26 4.07 -9.19
N ALA E 9 -19.95 4.82 -8.14
CA ALA E 9 -20.67 6.05 -7.84
C ALA E 9 -19.69 7.11 -7.38
N VAL E 10 -19.87 8.33 -7.85
CA VAL E 10 -19.00 9.42 -7.41
C VAL E 10 -18.98 9.45 -5.86
N GLY E 11 -17.78 9.53 -5.29
CA GLY E 11 -17.65 9.56 -3.85
C GLY E 11 -17.32 8.21 -3.22
N ASP E 12 -17.36 7.15 -4.03
CA ASP E 12 -17.02 5.81 -3.56
C ASP E 12 -15.55 5.82 -3.15
N ARG E 13 -15.25 5.15 -2.03
CA ARG E 13 -13.89 5.07 -1.51
C ARG E 13 -13.39 3.63 -1.45
N PHE E 14 -12.13 3.44 -1.85
CA PHE E 14 -11.50 2.12 -1.76
C PHE E 14 -10.16 2.27 -1.05
N ASP E 15 -9.85 1.27 -0.23
CA ASP E 15 -8.61 1.24 0.52
C ASP E 15 -7.82 0.02 0.10
N SER E 16 -6.50 0.15 0.08
CA SER E 16 -5.66 -0.97 -0.29
C SER E 16 -5.03 -1.53 0.97
N ALA E 17 -4.42 -2.72 0.83
CA ALA E 17 -3.68 -3.39 1.89
C ALA E 17 -2.35 -2.61 1.99
N ARG E 18 -1.50 -2.95 2.97
CA ARG E 18 -0.25 -2.25 3.18
C ARG E 18 0.96 -2.87 2.52
N HIS E 19 1.96 -2.04 2.27
CA HIS E 19 3.22 -2.48 1.66
C HIS E 19 4.38 -1.78 2.35
N ARG E 20 5.33 -2.57 2.84
CA ARG E 20 6.50 -2.04 3.54
C ARG E 20 7.65 -1.79 2.57
N VAL E 21 8.16 -0.56 2.60
CA VAL E 21 9.27 -0.17 1.74
C VAL E 21 10.61 -0.41 2.42
N GLU E 22 11.47 -1.18 1.76
CA GLU E 22 12.79 -1.47 2.29
C GLU E 22 13.88 -0.75 1.50
N ALA E 23 14.94 -0.36 2.21
CA ALA E 23 16.08 0.33 1.60
C ALA E 23 16.71 -0.40 0.41
N ALA E 24 16.84 -1.72 0.50
CA ALA E 24 17.43 -2.49 -0.60
C ALA E 24 16.52 -2.40 -1.84
N ALA E 25 15.21 -2.47 -1.62
CA ALA E 25 14.24 -2.38 -2.72
C ALA E 25 14.34 -1.00 -3.36
N ILE E 26 14.51 0.04 -2.53
CA ILE E 26 14.65 1.42 -2.99
C ILE E 26 15.87 1.54 -3.92
N LYS E 27 17.02 1.05 -3.46
CA LYS E 27 18.27 1.10 -4.23
C LYS E 27 18.17 0.28 -5.50
N ALA E 28 17.44 -0.84 -5.43
CA ALA E 28 17.30 -1.71 -6.59
C ALA E 28 16.46 -1.07 -7.69
N PHE E 29 15.37 -0.40 -7.30
CA PHE E 29 14.53 0.25 -8.30
C PHE E 29 15.26 1.47 -8.88
N ALA E 30 15.87 2.27 -8.02
CA ALA E 30 16.56 3.48 -8.46
C ALA E 30 17.78 3.14 -9.32
N GLY E 31 18.48 2.08 -8.96
CA GLY E 31 19.63 1.65 -9.74
C GLY E 31 19.25 1.25 -11.17
N GLU E 32 18.00 0.86 -11.38
CA GLU E 32 17.53 0.48 -12.70
C GLU E 32 16.80 1.57 -13.47
N PHE E 33 16.01 2.38 -12.76
CA PHE E 33 15.21 3.41 -13.43
C PHE E 33 15.43 4.87 -13.01
N ASP E 34 16.05 5.12 -11.85
CA ASP E 34 16.24 6.49 -11.40
C ASP E 34 17.57 6.57 -10.66
N PRO E 35 18.69 6.38 -11.40
CA PRO E 35 20.06 6.40 -10.87
C PRO E 35 20.59 7.73 -10.37
N GLN E 36 20.14 8.14 -9.19
CA GLN E 36 20.58 9.41 -8.63
C GLN E 36 21.01 9.20 -7.20
N PRO E 37 22.02 9.96 -6.76
CA PRO E 37 22.58 9.90 -5.41
C PRO E 37 21.59 9.80 -4.26
N PHE E 38 20.53 10.61 -4.30
CA PHE E 38 19.58 10.61 -3.21
C PHE E 38 18.81 9.31 -3.06
N HIS E 39 18.79 8.53 -4.13
CA HIS E 39 18.05 7.27 -4.13
C HIS E 39 18.95 6.03 -4.14
N LEU E 40 20.26 6.25 -4.14
CA LEU E 40 21.21 5.15 -4.24
C LEU E 40 22.16 4.98 -3.07
N ASP E 41 22.49 6.10 -2.44
CA ASP E 41 23.45 6.12 -1.35
C ASP E 41 22.92 6.85 -0.13
N GLU E 42 23.18 6.31 1.05
CA GLU E 42 22.68 6.89 2.28
C GLU E 42 23.41 8.14 2.72
N GLU E 43 24.72 8.16 2.49
CA GLU E 43 25.53 9.31 2.87
C GLU E 43 25.33 10.48 1.92
N ALA E 44 25.27 10.19 0.62
CA ALA E 44 25.07 11.24 -0.38
C ALA E 44 23.69 11.89 -0.19
N ALA E 45 22.66 11.06 0.04
CA ALA E 45 21.31 11.55 0.24
C ALA E 45 21.20 12.37 1.53
N ARG E 46 22.04 12.03 2.52
CA ARG E 46 22.06 12.75 3.80
C ARG E 46 22.25 14.25 3.57
N HIS E 47 23.19 14.62 2.69
CA HIS E 47 23.40 16.03 2.36
C HIS E 47 22.59 16.40 1.10
N SER E 48 21.38 15.86 0.99
CA SER E 48 20.51 16.18 -0.14
C SER E 48 19.28 16.93 0.36
N LEU E 49 18.47 17.42 -0.58
CA LEU E 49 17.25 18.13 -0.24
C LEU E 49 16.28 17.18 0.46
N PHE E 50 16.68 15.92 0.62
CA PHE E 50 15.85 14.91 1.29
C PHE E 50 16.29 14.66 2.74
N GLY E 51 17.60 14.79 2.99
CA GLY E 51 18.13 14.61 4.34
C GLY E 51 18.33 13.18 4.75
N GLY E 52 18.14 12.28 3.80
CA GLY E 52 18.29 10.86 4.06
C GLY E 52 17.83 10.08 2.83
N LEU E 53 17.96 8.75 2.87
CA LEU E 53 17.55 7.92 1.74
C LEU E 53 16.05 8.10 1.50
N ALA E 54 15.67 8.23 0.24
CA ALA E 54 14.28 8.36 -0.14
C ALA E 54 14.04 7.61 -1.43
N ALA E 55 12.87 7.02 -1.55
CA ALA E 55 12.51 6.28 -2.75
C ALA E 55 12.30 7.24 -3.89
N SER E 56 12.55 6.77 -5.10
CA SER E 56 12.27 7.56 -6.29
C SER E 56 10.73 7.70 -6.39
N GLY E 57 10.28 8.87 -6.86
CA GLY E 57 8.86 9.13 -7.04
C GLY E 57 8.22 8.10 -7.95
N TRP E 58 9.02 7.56 -8.88
CA TRP E 58 8.52 6.57 -9.83
C TRP E 58 8.48 5.17 -9.24
N HIS E 59 9.22 4.98 -8.14
CA HIS E 59 9.24 3.70 -7.45
C HIS E 59 7.95 3.69 -6.61
N THR E 60 7.62 4.83 -6.00
CA THR E 60 6.41 4.99 -5.22
C THR E 60 5.20 4.81 -6.16
N ALA E 61 5.33 5.30 -7.40
CA ALA E 61 4.26 5.18 -8.39
C ALA E 61 4.06 3.71 -8.81
N ALA E 62 5.14 2.94 -8.85
CA ALA E 62 5.07 1.53 -9.23
C ALA E 62 4.46 0.71 -8.08
N ILE E 63 4.84 1.03 -6.85
CA ILE E 63 4.29 0.38 -5.67
C ILE E 63 2.78 0.66 -5.56
N THR E 64 2.38 1.91 -5.82
CA THR E 64 0.97 2.32 -5.75
C THR E 64 0.16 1.50 -6.75
N MSE E 65 0.65 1.39 -7.99
CA MSE E 65 -0.06 0.61 -9.00
C MSE E 65 -0.26 -0.86 -8.58
O MSE E 65 -1.32 -1.44 -8.80
CB MSE E 65 0.69 0.63 -10.34
CG MSE E 65 -0.12 0.04 -11.48
SE MSE E 65 -1.91 0.86 -11.64
CE MSE E 65 -2.98 -0.30 -10.51
N ARG E 66 0.77 -1.47 -8.00
CA ARG E 66 0.64 -2.85 -7.54
C ARG E 66 -0.42 -2.92 -6.43
N LEU E 67 -0.42 -1.96 -5.51
CA LEU E 67 -1.41 -1.95 -4.43
C LEU E 67 -2.81 -1.76 -5.01
N LEU E 68 -2.92 -0.92 -6.04
CA LEU E 68 -4.21 -0.69 -6.68
C LEU E 68 -4.66 -1.96 -7.41
N VAL E 69 -3.81 -2.54 -8.24
CA VAL E 69 -4.18 -3.74 -9.01
C VAL E 69 -4.53 -4.93 -8.11
N THR E 70 -3.82 -5.09 -7.01
CA THR E 70 -4.11 -6.21 -6.14
C THR E 70 -5.15 -5.98 -5.03
N SER E 71 -5.44 -4.74 -4.68
CA SER E 71 -6.45 -4.50 -3.64
C SER E 71 -7.14 -3.15 -3.66
N GLY E 72 -6.38 -2.09 -3.92
CA GLY E 72 -6.93 -0.73 -3.92
C GLY E 72 -8.06 -0.31 -4.86
N LEU E 73 -8.09 -0.84 -6.07
CA LEU E 73 -9.15 -0.48 -7.04
C LEU E 73 -9.67 -1.77 -7.67
N PRO E 74 -10.66 -2.39 -7.02
CA PRO E 74 -11.22 -3.65 -7.50
C PRO E 74 -11.98 -3.65 -8.81
N LEU E 75 -11.32 -3.30 -9.90
CA LEU E 75 -11.98 -3.26 -11.21
C LEU E 75 -11.89 -4.63 -11.87
N ALA E 76 -13.04 -5.25 -12.07
CA ALA E 76 -13.12 -6.57 -12.69
C ALA E 76 -12.30 -6.75 -13.95
N GLN E 77 -12.35 -5.78 -14.85
CA GLN E 77 -11.63 -5.89 -16.10
C GLN E 77 -10.30 -5.20 -16.15
N GLY E 78 -9.84 -4.80 -14.96
CA GLY E 78 -8.53 -4.20 -14.85
C GLY E 78 -8.45 -2.71 -14.80
N ILE E 79 -7.23 -2.21 -14.61
CA ILE E 79 -7.00 -0.78 -14.53
C ILE E 79 -6.21 -0.34 -15.77
N ILE E 80 -6.89 0.40 -16.65
CA ILE E 80 -6.28 0.89 -17.86
C ILE E 80 -6.38 2.42 -17.86
N GLY E 81 -5.24 3.08 -17.71
CA GLY E 81 -5.23 4.51 -17.61
C GLY E 81 -4.91 5.29 -18.86
N ALA E 82 -5.58 6.42 -19.03
CA ALA E 82 -5.31 7.27 -20.19
C ALA E 82 -4.32 8.35 -19.77
N GLY E 83 -4.37 8.75 -18.51
CA GLY E 83 -3.47 9.79 -18.02
C GLY E 83 -3.71 10.09 -16.56
N THR E 84 -2.85 10.92 -15.97
CA THR E 84 -2.98 11.25 -14.57
C THR E 84 -2.22 12.50 -14.17
N GLU E 85 -2.67 13.12 -13.09
CA GLU E 85 -2.04 14.31 -12.55
C GLU E 85 -1.34 13.76 -11.29
N LEU E 86 0.00 13.79 -11.29
CA LEU E 86 0.81 13.28 -10.20
C LEU E 86 1.55 14.33 -9.40
N SER E 87 1.73 14.04 -8.11
CA SER E 87 2.50 14.90 -7.23
C SER E 87 2.99 14.07 -6.04
N TRP E 88 4.14 14.43 -5.49
CA TRP E 88 4.73 13.72 -4.37
C TRP E 88 5.00 14.70 -3.24
N PRO E 89 3.97 15.00 -2.45
CA PRO E 89 4.09 15.95 -1.32
C PRO E 89 5.17 15.68 -0.28
N ASN E 90 5.31 14.42 0.09
CA ASN E 90 6.32 14.02 1.07
C ASN E 90 7.13 12.87 0.48
N PRO E 91 8.37 12.68 0.96
CA PRO E 91 9.22 11.60 0.46
C PRO E 91 8.86 10.24 1.05
N THR E 92 9.11 9.18 0.28
CA THR E 92 8.91 7.81 0.76
C THR E 92 10.25 7.40 1.38
N ARG E 93 10.21 6.94 2.63
CA ARG E 93 11.41 6.57 3.36
C ARG E 93 11.50 5.09 3.73
N PRO E 94 12.73 4.58 3.87
CA PRO E 94 12.92 3.18 4.23
C PRO E 94 12.14 2.93 5.52
N GLY E 95 11.42 1.80 5.58
CA GLY E 95 10.66 1.49 6.77
C GLY E 95 9.21 1.94 6.72
N ASP E 96 8.85 2.68 5.67
CA ASP E 96 7.48 3.16 5.52
C ASP E 96 6.47 2.07 5.15
N GLU E 97 5.30 2.13 5.79
CA GLU E 97 4.19 1.23 5.52
C GLU E 97 3.24 2.07 4.67
N LEU E 98 3.12 1.73 3.40
CA LEU E 98 2.25 2.46 2.50
C LEU E 98 0.95 1.75 2.20
N HIS E 99 -0.10 2.53 2.00
CA HIS E 99 -1.39 2.01 1.61
C HIS E 99 -2.07 3.11 0.79
N VAL E 100 -3.04 2.75 -0.06
CA VAL E 100 -3.70 3.74 -0.89
C VAL E 100 -5.17 3.93 -0.54
N GLU E 101 -5.61 5.19 -0.55
CA GLU E 101 -7.00 5.56 -0.31
C GLU E 101 -7.45 6.24 -1.59
N THR E 102 -8.38 5.60 -2.28
CA THR E 102 -8.86 6.06 -3.57
C THR E 102 -10.31 6.48 -3.50
N THR E 103 -10.67 7.52 -4.26
CA THR E 103 -12.03 8.02 -4.28
C THR E 103 -12.44 8.26 -5.73
N VAL E 104 -13.63 7.81 -6.11
CA VAL E 104 -14.13 8.07 -7.46
C VAL E 104 -14.62 9.54 -7.45
N LEU E 105 -14.02 10.37 -8.30
CA LEU E 105 -14.33 11.79 -8.37
C LEU E 105 -15.32 12.16 -9.44
N ALA E 106 -15.37 11.36 -10.49
CA ALA E 106 -16.26 11.63 -11.61
C ALA E 106 -16.38 10.43 -12.52
N ILE E 107 -17.54 10.29 -13.15
CA ILE E 107 -17.81 9.22 -14.10
C ILE E 107 -18.32 9.97 -15.34
N THR E 108 -17.59 9.85 -16.44
CA THR E 108 -17.96 10.56 -17.65
C THR E 108 -18.17 9.61 -18.81
N PRO E 109 -19.43 9.20 -19.02
CA PRO E 109 -19.81 8.27 -20.09
C PRO E 109 -19.35 8.74 -21.46
N SER E 110 -18.92 7.80 -22.29
CA SER E 110 -18.51 8.14 -23.64
C SER E 110 -19.77 8.31 -24.49
N LYS E 111 -19.77 9.32 -25.35
CA LYS E 111 -20.90 9.58 -26.24
C LYS E 111 -20.90 8.61 -27.42
N SER E 112 -19.75 8.41 -28.05
CA SER E 112 -19.64 7.52 -29.20
C SER E 112 -19.67 6.03 -28.85
N ARG E 113 -19.35 5.71 -27.60
CA ARG E 113 -19.32 4.33 -27.15
C ARG E 113 -19.96 4.26 -25.77
N PRO E 114 -21.30 4.16 -25.72
CA PRO E 114 -22.07 4.11 -24.47
C PRO E 114 -21.77 2.90 -23.65
N ASP E 115 -20.90 2.09 -24.21
CA ASP E 115 -20.39 0.87 -23.61
C ASP E 115 -19.46 1.19 -22.41
N ARG E 116 -18.69 2.27 -22.53
CA ARG E 116 -17.70 2.61 -21.53
C ARG E 116 -17.74 4.05 -21.06
N ALA E 117 -16.98 4.33 -20.02
CA ALA E 117 -16.91 5.67 -19.47
C ALA E 117 -15.48 5.95 -19.02
N ILE E 118 -15.14 7.22 -18.86
CA ILE E 118 -13.83 7.59 -18.35
C ILE E 118 -14.10 7.91 -16.88
N VAL E 119 -13.49 7.14 -15.97
CA VAL E 119 -13.69 7.36 -14.55
C VAL E 119 -12.45 8.01 -13.95
N THR E 120 -12.67 9.11 -13.24
CA THR E 120 -11.59 9.84 -12.60
C THR E 120 -11.43 9.30 -11.19
N CYS E 121 -10.26 8.71 -10.92
CA CYS E 121 -9.94 8.14 -9.62
C CYS E 121 -8.79 8.86 -8.94
N GLN E 122 -9.04 9.42 -7.76
CA GLN E 122 -7.98 10.08 -7.02
C GLN E 122 -7.39 9.11 -5.99
N SER E 123 -6.13 8.74 -6.18
CA SER E 123 -5.48 7.83 -5.25
C SER E 123 -4.45 8.58 -4.41
N ASP E 124 -4.57 8.43 -3.10
CA ASP E 124 -3.65 9.04 -2.18
C ASP E 124 -2.88 7.93 -1.50
N THR E 125 -1.57 7.88 -1.77
CA THR E 125 -0.69 6.89 -1.16
C THR E 125 -0.19 7.53 0.14
N LEU E 126 -0.51 6.89 1.26
CA LEU E 126 -0.17 7.37 2.58
C LEU E 126 0.80 6.49 3.36
N ASN E 127 1.66 7.12 4.17
CA ASN E 127 2.53 6.33 5.04
C ASN E 127 1.78 6.15 6.40
N GLN E 128 2.37 5.37 7.31
CA GLN E 128 1.73 5.10 8.59
C GLN E 128 1.61 6.30 9.53
N ARG E 129 2.11 7.45 9.09
CA ARG E 129 1.98 8.68 9.89
C ARG E 129 0.89 9.58 9.30
N GLY E 130 0.15 9.07 8.31
CA GLY E 130 -0.94 9.83 7.72
C GLY E 130 -0.49 10.83 6.66
N GLU E 131 0.79 10.82 6.35
CA GLU E 131 1.32 11.76 5.36
C GLU E 131 1.18 11.22 3.95
N VAL E 132 0.82 12.11 3.02
CA VAL E 132 0.64 11.74 1.64
C VAL E 132 1.98 11.69 0.94
N VAL E 133 2.35 10.49 0.52
CA VAL E 133 3.60 10.25 -0.17
C VAL E 133 3.40 10.43 -1.67
N GLN E 134 2.17 10.22 -2.13
CA GLN E 134 1.84 10.43 -3.54
C GLN E 134 0.36 10.66 -3.74
N ARG E 135 0.04 11.55 -4.67
CA ARG E 135 -1.35 11.79 -5.05
C ARG E 135 -1.41 11.68 -6.56
N SER E 136 -2.31 10.85 -7.03
CA SER E 136 -2.46 10.59 -8.43
C SER E 136 -3.93 10.62 -8.79
N THR E 137 -4.33 11.66 -9.53
CA THR E 137 -5.72 11.77 -9.99
C THR E 137 -5.69 11.26 -11.45
N ALA E 138 -6.08 10.01 -11.62
CA ALA E 138 -6.06 9.34 -12.90
C ALA E 138 -7.41 9.19 -13.57
N LYS E 139 -7.37 9.04 -14.89
CA LYS E 139 -8.57 8.80 -15.68
C LYS E 139 -8.43 7.37 -16.23
N VAL E 140 -9.38 6.50 -15.89
CA VAL E 140 -9.32 5.13 -16.36
C VAL E 140 -10.59 4.77 -17.15
N VAL E 141 -10.44 3.89 -18.13
CA VAL E 141 -11.56 3.43 -18.97
C VAL E 141 -12.22 2.22 -18.28
N VAL E 142 -13.51 2.36 -18.01
CA VAL E 142 -14.28 1.30 -17.36
C VAL E 142 -15.49 0.97 -18.22
N PHE E 143 -15.71 -0.31 -18.46
CA PHE E 143 -16.83 -0.77 -19.26
C PHE E 143 -17.98 -1.28 -18.42
N ARG E 144 -19.16 -1.22 -19.01
CA ARG E 144 -20.37 -1.74 -18.39
C ARG E 144 -20.19 -3.27 -18.34
N ARG E 145 -20.90 -3.91 -17.42
CA ARG E 145 -20.88 -5.36 -17.33
C ARG E 145 -21.54 -5.90 -18.61
N PRO E 146 -20.85 -6.82 -19.31
CA PRO E 146 -21.36 -7.42 -20.55
C PRO E 146 -22.72 -8.09 -20.34
N LEU E 147 -23.55 -8.08 -21.37
CA LEU E 147 -24.89 -8.70 -21.28
C LEU E 147 -24.73 -10.20 -20.94
#